data_1W1V
#
_entry.id   1W1V
#
_cell.length_a   55.744
_cell.length_b   103.256
_cell.length_c   185.689
_cell.angle_alpha   90.00
_cell.angle_beta   90.00
_cell.angle_gamma   90.00
#
_symmetry.space_group_name_H-M   'P 21 21 21'
#
loop_
_entity.id
_entity.type
_entity.pdbx_description
1 polymer 'CHITINASE B'
2 non-polymer GLYCEROL
3 non-polymer 'SULFATE ION'
4 non-polymer 'CYCLO-(L-ARGININE-L-PROLINE) INHIBITOR'
5 water water
#
_entity_poly.entity_id   1
_entity_poly.type   'polypeptide(L)'
_entity_poly.pdbx_seq_one_letter_code
;MSTRKAVIGYYFIPTNQINNYTETDTSVVPFPVSNITPAKAKQLTHINFSFLDINSNLECAWDPATNDAKARDVVNRLTA
LKAHNPSLRIMFSIGGWYYSNDLGVSHANYVNAVKTPASRAKFAQSCVRIMKDYGFDGVDIDWEYPQAAEVDGFIAALQE
IRTLLNQQTITDGRQALPYQLTIAGAGGAFFLSRYYSKLAQIVAPLDYINLMTYDLAGPWEKVTNHQAALFGDAAGPTFY
NALREANLGWSWEELTRAFPSPFSLTVDAAVQQHLMMEGVPSAKIVMGVPFYGRAFKGVSGGNGGQYSSHSTPGEDPYPS
TDYWLVGCEECVRDKDPRIASYRQLEQMLQGNYGYQRLWNDKTKTPYLYHAQNGLFVTYDDAESFKYKAKYIKQQQLGGV
MFWHLGQDNRNGDLLAALDRYFNAADYDDSQLDMGTGLRYTGVGPGNLPIMTAPAYVPGTTYAQGALVSYQGYVWQTKWG
YITSAPGSDSAWLKVGRVA
;
_entity_poly.pdbx_strand_id   A,B
#
# COMPACT_ATOMS: atom_id res chain seq x y z
N THR A 3 3.33 -32.15 20.79
CA THR A 3 4.70 -32.15 20.17
C THR A 3 5.63 -31.40 21.10
N ARG A 4 6.76 -32.01 21.41
CA ARG A 4 7.74 -31.39 22.28
C ARG A 4 8.23 -30.06 21.70
N LYS A 5 8.35 -29.05 22.57
CA LYS A 5 8.85 -27.76 22.10
C LYS A 5 10.36 -27.83 21.88
N ALA A 6 10.84 -27.17 20.84
CA ALA A 6 12.28 -27.13 20.53
C ALA A 6 12.92 -26.25 21.56
N VAL A 7 14.14 -26.62 21.96
CA VAL A 7 14.92 -25.79 22.88
C VAL A 7 16.27 -25.78 22.17
N ILE A 8 16.57 -24.66 21.52
CA ILE A 8 17.74 -24.51 20.68
C ILE A 8 18.74 -23.54 21.26
N GLY A 9 19.87 -24.09 21.70
CA GLY A 9 20.89 -23.27 22.30
C GLY A 9 22.15 -23.15 21.45
N TYR A 10 22.61 -21.92 21.29
CA TYR A 10 23.82 -21.74 20.53
C TYR A 10 25.05 -22.08 21.32
N TYR A 11 26.00 -22.73 20.66
CA TYR A 11 27.30 -23.00 21.29
C TYR A 11 28.24 -22.24 20.38
N PHE A 12 28.73 -21.10 20.85
CA PHE A 12 29.63 -20.31 20.03
C PHE A 12 31.07 -20.41 20.55
N ILE A 13 32.01 -20.59 19.63
CA ILE A 13 33.39 -20.70 20.07
C ILE A 13 34.28 -20.04 19.03
N PRO A 14 35.03 -19.00 19.43
CA PRO A 14 35.92 -18.28 18.51
C PRO A 14 37.05 -19.15 18.00
N THR A 15 37.54 -18.85 16.81
CA THR A 15 38.61 -19.64 16.23
C THR A 15 39.82 -19.83 17.17
N ASN A 16 40.18 -18.79 17.92
CA ASN A 16 41.32 -18.90 18.84
C ASN A 16 41.08 -19.90 19.94
N GLN A 17 39.82 -20.06 20.34
CA GLN A 17 39.50 -21.01 21.37
C GLN A 17 39.50 -22.43 20.83
N ILE A 18 39.10 -22.60 19.58
CA ILE A 18 39.12 -23.92 18.98
C ILE A 18 40.60 -24.29 18.83
N ASN A 19 41.36 -23.37 18.24
CA ASN A 19 42.79 -23.58 17.98
C ASN A 19 43.62 -23.79 19.24
N ASN A 20 43.02 -23.56 20.41
CA ASN A 20 43.71 -23.72 21.70
C ASN A 20 42.77 -24.45 22.64
N TYR A 21 41.86 -25.23 22.08
CA TYR A 21 40.87 -25.91 22.90
C TYR A 21 41.33 -26.69 24.11
N THR A 22 40.67 -26.42 25.23
CA THR A 22 40.98 -27.08 26.47
C THR A 22 39.76 -27.04 27.39
N GLU A 23 39.52 -28.12 28.13
CA GLU A 23 38.38 -28.18 29.04
C GLU A 23 38.79 -28.04 30.49
N THR A 24 40.06 -27.72 30.72
CA THR A 24 40.55 -27.60 32.08
C THR A 24 41.05 -26.21 32.41
N ASP A 25 40.85 -25.26 31.52
CA ASP A 25 41.32 -23.92 31.81
C ASP A 25 40.46 -22.78 31.28
N THR A 26 39.45 -22.44 32.07
CA THR A 26 38.52 -21.38 31.74
C THR A 26 39.17 -20.08 31.25
N SER A 27 40.46 -19.91 31.52
CA SER A 27 41.15 -18.71 31.09
C SER A 27 41.33 -18.72 29.57
N VAL A 28 41.41 -19.92 29.00
CA VAL A 28 41.60 -20.05 27.57
C VAL A 28 40.26 -20.23 26.85
N VAL A 29 39.48 -21.18 27.33
CA VAL A 29 38.15 -21.47 26.78
C VAL A 29 37.17 -21.36 27.93
N PRO A 30 36.50 -20.21 28.05
CA PRO A 30 35.55 -20.06 29.16
C PRO A 30 34.46 -21.14 29.31
N PHE A 31 33.92 -21.63 28.19
CA PHE A 31 32.83 -22.61 28.25
C PHE A 31 33.09 -23.82 27.36
N PRO A 32 33.87 -24.79 27.85
CA PRO A 32 34.18 -25.99 27.03
C PRO A 32 32.98 -26.90 26.95
N VAL A 33 32.99 -27.84 26.00
CA VAL A 33 31.86 -28.75 25.84
C VAL A 33 31.55 -29.56 27.11
N SER A 34 32.59 -29.90 27.88
CA SER A 34 32.36 -30.65 29.10
C SER A 34 31.37 -29.98 30.07
N ASN A 35 31.18 -28.67 29.95
CA ASN A 35 30.23 -27.98 30.83
C ASN A 35 28.79 -28.32 30.46
N ILE A 36 28.58 -28.92 29.29
CA ILE A 36 27.23 -29.33 28.91
C ILE A 36 27.08 -30.74 29.43
N THR A 37 26.58 -30.84 30.64
CA THR A 37 26.40 -32.10 31.29
C THR A 37 25.26 -32.90 30.68
N PRO A 38 25.19 -34.18 31.03
CA PRO A 38 24.14 -35.06 30.52
C PRO A 38 22.80 -34.43 30.83
N ALA A 39 22.64 -33.90 32.04
CA ALA A 39 21.37 -33.27 32.39
C ALA A 39 21.02 -32.10 31.46
N LYS A 40 22.01 -31.27 31.12
CA LYS A 40 21.76 -30.14 30.24
C LYS A 40 21.53 -30.67 28.82
N ALA A 41 22.27 -31.70 28.42
CA ALA A 41 22.06 -32.23 27.07
C ALA A 41 20.63 -32.72 26.89
N LYS A 42 20.05 -33.24 27.96
CA LYS A 42 18.68 -33.72 27.91
C LYS A 42 17.64 -32.60 27.84
N GLN A 43 18.02 -31.40 28.30
CA GLN A 43 17.09 -30.27 28.29
C GLN A 43 17.07 -29.50 26.98
N LEU A 44 18.03 -29.81 26.10
CA LEU A 44 18.14 -29.20 24.78
C LEU A 44 17.58 -30.15 23.71
N THR A 45 17.01 -29.58 22.65
CA THR A 45 16.62 -30.44 21.52
C THR A 45 17.64 -30.15 20.45
N HIS A 46 18.23 -28.95 20.46
CA HIS A 46 19.24 -28.64 19.45
C HIS A 46 20.33 -27.77 20.01
N ILE A 47 21.55 -27.94 19.50
CA ILE A 47 22.69 -27.07 19.83
C ILE A 47 23.16 -26.55 18.48
N ASN A 48 23.21 -25.22 18.32
CA ASN A 48 23.67 -24.68 17.07
C ASN A 48 25.13 -24.33 17.23
N PHE A 49 26.00 -25.17 16.70
CA PHE A 49 27.44 -24.88 16.76
C PHE A 49 27.69 -23.69 15.84
N SER A 50 28.42 -22.67 16.33
CA SER A 50 28.61 -21.47 15.54
C SER A 50 30.04 -20.89 15.70
N PHE A 51 30.61 -20.27 14.67
CA PHE A 51 29.97 -20.06 13.37
C PHE A 51 30.87 -20.50 12.23
N LEU A 52 30.26 -20.95 11.15
CA LEU A 52 31.00 -21.24 9.92
C LEU A 52 30.67 -20.03 9.01
N ASP A 53 31.28 -19.98 7.84
CA ASP A 53 31.10 -18.84 6.97
C ASP A 53 30.93 -19.33 5.54
N ILE A 54 30.83 -18.40 4.61
CA ILE A 54 30.78 -18.70 3.18
C ILE A 54 32.02 -17.97 2.67
N ASN A 55 32.90 -18.68 1.95
CA ASN A 55 34.16 -18.07 1.45
C ASN A 55 34.07 -17.50 0.04
N SER A 56 35.17 -16.90 -0.43
CA SER A 56 35.18 -16.32 -1.77
C SER A 56 34.94 -17.38 -2.83
N ASN A 57 35.12 -18.65 -2.47
CA ASN A 57 34.86 -19.71 -3.43
C ASN A 57 33.37 -20.03 -3.43
N LEU A 58 32.62 -19.24 -2.66
CA LEU A 58 31.16 -19.35 -2.54
C LEU A 58 30.66 -20.70 -2.05
N GLU A 59 31.39 -21.23 -1.08
CA GLU A 59 31.04 -22.48 -0.46
C GLU A 59 31.05 -22.29 1.04
N CYS A 60 30.29 -23.15 1.72
CA CYS A 60 30.24 -23.16 3.16
C CYS A 60 31.64 -23.62 3.60
N ALA A 61 32.18 -22.97 4.62
CA ALA A 61 33.51 -23.32 5.07
C ALA A 61 33.86 -22.75 6.43
N TRP A 62 34.83 -23.37 7.08
CA TRP A 62 35.29 -22.90 8.37
C TRP A 62 36.17 -21.67 8.15
N ASP A 63 36.40 -20.92 9.23
CA ASP A 63 37.27 -19.74 9.23
C ASP A 63 38.59 -20.25 8.64
N PRO A 64 39.18 -19.54 7.65
CA PRO A 64 40.43 -20.00 7.04
C PRO A 64 41.57 -20.26 8.01
N ALA A 65 41.47 -19.68 9.20
CA ALA A 65 42.49 -19.82 10.22
C ALA A 65 42.23 -20.94 11.21
N THR A 66 41.11 -21.62 11.05
CA THR A 66 40.77 -22.70 11.97
C THR A 66 41.72 -23.89 11.81
N ASN A 67 42.07 -24.51 12.92
CA ASN A 67 42.90 -25.72 12.92
C ASN A 67 41.88 -26.85 12.80
N ASP A 68 41.74 -27.39 11.60
CA ASP A 68 40.76 -28.43 11.35
C ASP A 68 40.72 -29.61 12.32
N ALA A 69 41.89 -30.13 12.71
CA ALA A 69 41.89 -31.26 13.63
C ALA A 69 41.33 -30.87 15.01
N LYS A 70 41.58 -29.64 15.44
CA LYS A 70 41.04 -29.20 16.71
C LYS A 70 39.51 -29.00 16.58
N ALA A 71 39.08 -28.49 15.42
CA ALA A 71 37.65 -28.24 15.16
C ALA A 71 36.87 -29.54 15.16
N ARG A 72 37.45 -30.57 14.55
CA ARG A 72 36.80 -31.87 14.51
C ARG A 72 36.63 -32.43 15.89
N ASP A 73 37.62 -32.25 16.75
CA ASP A 73 37.54 -32.78 18.09
C ASP A 73 36.46 -32.07 18.93
N VAL A 74 36.32 -30.76 18.74
CA VAL A 74 35.30 -30.03 19.50
C VAL A 74 33.93 -30.53 19.02
N VAL A 75 33.76 -30.61 17.71
CA VAL A 75 32.48 -31.06 17.17
C VAL A 75 32.19 -32.47 17.64
N ASN A 76 33.19 -33.35 17.61
CA ASN A 76 32.95 -34.71 18.10
C ASN A 76 32.49 -34.73 19.55
N ARG A 77 33.02 -33.82 20.37
CA ARG A 77 32.61 -33.79 21.76
C ARG A 77 31.10 -33.40 21.83
N LEU A 78 30.68 -32.50 20.97
CA LEU A 78 29.28 -32.07 20.97
C LEU A 78 28.39 -33.24 20.52
N THR A 79 28.73 -33.88 19.42
CA THR A 79 27.88 -34.99 18.95
C THR A 79 27.85 -36.17 19.90
N ALA A 80 28.86 -36.29 20.75
CA ALA A 80 28.94 -37.36 21.73
C ALA A 80 27.82 -37.18 22.73
N LEU A 81 27.37 -35.94 22.91
CA LEU A 81 26.29 -35.68 23.88
C LEU A 81 25.00 -36.35 23.51
N LYS A 82 24.86 -36.71 22.24
CA LYS A 82 23.65 -37.36 21.75
C LYS A 82 23.43 -38.70 22.44
N ALA A 83 24.50 -39.20 23.07
CA ALA A 83 24.40 -40.46 23.81
C ALA A 83 23.42 -40.28 24.96
N HIS A 84 23.30 -39.06 25.45
CA HIS A 84 22.41 -38.78 26.58
C HIS A 84 21.01 -38.36 26.19
N ASN A 85 20.82 -38.05 24.91
CA ASN A 85 19.50 -37.58 24.47
C ASN A 85 19.32 -37.94 23.00
N PRO A 86 18.51 -38.96 22.72
CA PRO A 86 18.25 -39.43 21.36
C PRO A 86 17.48 -38.45 20.47
N SER A 87 17.04 -37.33 21.03
CA SER A 87 16.31 -36.36 20.22
C SER A 87 17.24 -35.19 19.92
N LEU A 88 18.39 -35.16 20.59
CA LEU A 88 19.35 -34.07 20.38
C LEU A 88 20.00 -33.99 18.99
N ARG A 89 20.09 -32.78 18.45
CA ARG A 89 20.70 -32.54 17.15
C ARG A 89 21.78 -31.50 17.31
N ILE A 90 22.95 -31.74 16.74
CA ILE A 90 24.00 -30.71 16.78
C ILE A 90 23.98 -30.10 15.37
N MET A 91 23.41 -28.91 15.26
CA MET A 91 23.31 -28.20 13.99
C MET A 91 24.59 -27.37 13.90
N PHE A 92 24.90 -26.87 12.71
CA PHE A 92 26.00 -25.91 12.59
C PHE A 92 25.39 -24.69 11.91
N SER A 93 25.82 -23.52 12.38
CA SER A 93 25.34 -22.25 11.88
C SER A 93 26.33 -21.54 10.98
N ILE A 94 25.84 -21.06 9.84
CA ILE A 94 26.65 -20.32 8.89
C ILE A 94 26.28 -18.84 8.95
N GLY A 95 27.26 -17.98 9.14
CA GLY A 95 26.94 -16.56 9.17
C GLY A 95 27.16 -15.87 10.49
N GLY A 96 26.12 -15.22 11.00
CA GLY A 96 26.29 -14.46 12.22
C GLY A 96 26.51 -13.00 11.77
N TRP A 97 26.33 -12.06 12.68
CA TRP A 97 26.48 -10.64 12.35
C TRP A 97 27.85 -10.29 11.80
N TYR A 98 28.88 -10.71 12.52
CA TYR A 98 30.25 -10.42 12.13
C TYR A 98 30.56 -10.74 10.67
N TYR A 99 30.27 -11.97 10.24
CA TYR A 99 30.53 -12.33 8.86
C TYR A 99 29.60 -11.77 7.78
N SER A 100 28.30 -11.80 8.09
CA SER A 100 27.26 -11.46 7.12
C SER A 100 26.52 -10.15 7.10
N ASN A 101 26.72 -9.28 8.10
CA ASN A 101 26.01 -8.01 8.04
C ASN A 101 26.46 -7.26 6.76
N ASP A 102 25.67 -6.30 6.32
CA ASP A 102 25.95 -5.55 5.11
C ASP A 102 27.41 -5.08 5.01
N LEU A 103 27.98 -4.71 6.13
CA LEU A 103 29.35 -4.22 6.12
C LEU A 103 30.32 -5.23 6.69
N GLY A 104 29.88 -6.48 6.82
CA GLY A 104 30.72 -7.52 7.39
C GLY A 104 31.79 -8.04 6.45
N VAL A 105 32.84 -8.62 7.02
CA VAL A 105 33.97 -9.15 6.23
C VAL A 105 33.63 -10.11 5.10
N SER A 106 32.56 -10.89 5.25
CA SER A 106 32.24 -11.86 4.19
C SER A 106 30.95 -11.61 3.47
N HIS A 107 30.34 -10.44 3.67
CA HIS A 107 29.05 -10.17 3.05
C HIS A 107 28.86 -10.48 1.57
N ALA A 108 29.81 -10.07 0.73
CA ALA A 108 29.64 -10.29 -0.71
C ALA A 108 29.53 -11.78 -1.09
N ASN A 109 30.17 -12.63 -0.29
CA ASN A 109 30.13 -14.08 -0.53
C ASN A 109 28.69 -14.62 -0.38
N TYR A 110 27.93 -14.00 0.52
CA TYR A 110 26.55 -14.43 0.72
C TYR A 110 25.74 -13.97 -0.47
N VAL A 111 25.94 -12.72 -0.87
CA VAL A 111 25.22 -12.17 -2.01
C VAL A 111 25.53 -12.98 -3.27
N ASN A 112 26.80 -13.29 -3.46
CA ASN A 112 27.21 -14.02 -4.67
C ASN A 112 26.88 -15.50 -4.67
N ALA A 113 26.87 -16.14 -3.50
CA ALA A 113 26.57 -17.55 -3.48
C ALA A 113 25.15 -17.91 -3.88
N VAL A 114 24.18 -17.02 -3.66
CA VAL A 114 22.78 -17.31 -4.02
C VAL A 114 22.36 -16.73 -5.36
N LYS A 115 23.29 -16.10 -6.06
CA LYS A 115 23.03 -15.47 -7.36
C LYS A 115 22.48 -16.33 -8.50
N THR A 116 23.11 -17.48 -8.74
CA THR A 116 22.69 -18.31 -9.85
C THR A 116 22.41 -19.77 -9.57
N PRO A 117 21.68 -20.43 -10.47
CA PRO A 117 21.38 -21.85 -10.26
C PRO A 117 22.66 -22.61 -9.96
N ALA A 118 23.75 -22.24 -10.65
CA ALA A 118 25.01 -22.92 -10.43
C ALA A 118 25.69 -22.58 -9.11
N SER A 119 25.63 -21.31 -8.72
CA SER A 119 26.27 -20.90 -7.48
C SER A 119 25.48 -21.50 -6.32
N ARG A 120 24.18 -21.57 -6.47
CA ARG A 120 23.34 -22.15 -5.41
C ARG A 120 23.61 -23.64 -5.27
N ALA A 121 23.69 -24.35 -6.39
CA ALA A 121 23.94 -25.79 -6.34
C ALA A 121 25.27 -26.05 -5.66
N LYS A 122 26.29 -25.28 -6.03
CA LYS A 122 27.61 -25.47 -5.42
C LYS A 122 27.54 -25.12 -3.94
N PHE A 123 26.80 -24.07 -3.62
CA PHE A 123 26.73 -23.70 -2.22
C PHE A 123 25.96 -24.76 -1.42
N ALA A 124 24.79 -25.16 -1.91
CA ALA A 124 24.01 -26.16 -1.18
C ALA A 124 24.81 -27.45 -0.97
N GLN A 125 25.50 -27.89 -2.01
CA GLN A 125 26.28 -29.10 -1.90
C GLN A 125 27.35 -28.97 -0.82
N SER A 126 27.97 -27.80 -0.74
CA SER A 126 29.00 -27.62 0.25
C SER A 126 28.41 -27.68 1.66
N CYS A 127 27.17 -27.24 1.83
CA CYS A 127 26.58 -27.26 3.17
C CYS A 127 26.37 -28.70 3.59
N VAL A 128 25.86 -29.51 2.68
CA VAL A 128 25.63 -30.89 3.04
C VAL A 128 26.93 -31.66 3.25
N ARG A 129 27.96 -31.33 2.46
CA ARG A 129 29.24 -32.02 2.57
C ARG A 129 29.85 -31.73 3.93
N ILE A 130 29.79 -30.47 4.33
CA ILE A 130 30.33 -30.05 5.63
C ILE A 130 29.52 -30.77 6.72
N MET A 131 28.20 -30.79 6.57
CA MET A 131 27.37 -31.46 7.57
C MET A 131 27.82 -32.92 7.77
N LYS A 132 27.93 -33.66 6.66
CA LYS A 132 28.32 -35.07 6.72
C LYS A 132 29.76 -35.33 7.20
N ASP A 133 30.71 -34.53 6.71
CA ASP A 133 32.11 -34.71 7.07
C ASP A 133 32.37 -34.46 8.56
N TYR A 134 31.72 -33.46 9.14
CA TYR A 134 31.96 -33.20 10.55
C TYR A 134 31.00 -33.86 11.51
N GLY A 135 29.93 -34.47 11.00
CA GLY A 135 29.00 -35.14 11.88
C GLY A 135 27.83 -34.29 12.39
N PHE A 136 27.54 -33.17 11.72
CA PHE A 136 26.39 -32.34 12.17
C PHE A 136 25.07 -32.97 11.76
N ASP A 137 23.99 -32.52 12.40
CA ASP A 137 22.64 -33.04 12.18
C ASP A 137 21.73 -32.14 11.38
N GLY A 138 22.24 -30.99 10.96
CA GLY A 138 21.41 -30.10 10.16
C GLY A 138 22.19 -28.83 9.89
N VAL A 139 21.58 -27.96 9.10
CA VAL A 139 22.19 -26.70 8.64
C VAL A 139 21.36 -25.54 9.11
N ASP A 140 22.02 -24.52 9.68
CA ASP A 140 21.30 -23.33 10.11
C ASP A 140 22.02 -22.17 9.43
N ILE A 141 21.29 -21.29 8.76
CA ILE A 141 21.93 -20.16 8.10
C ILE A 141 21.46 -18.90 8.78
N ASP A 142 22.45 -18.09 9.17
CA ASP A 142 22.18 -16.84 9.87
C ASP A 142 22.75 -15.66 9.08
N TRP A 143 22.21 -15.39 7.91
CA TRP A 143 22.65 -14.24 7.10
C TRP A 143 21.86 -13.05 7.66
N GLU A 144 22.58 -12.04 8.14
CA GLU A 144 21.92 -10.88 8.72
C GLU A 144 22.14 -9.59 7.93
N TYR A 145 21.37 -9.33 6.87
CA TYR A 145 20.26 -10.14 6.36
C TYR A 145 20.12 -9.93 4.85
N PRO A 146 19.54 -10.90 4.15
CA PRO A 146 19.38 -10.70 2.69
C PRO A 146 18.48 -9.49 2.41
N GLN A 147 18.80 -8.75 1.34
CA GLN A 147 18.05 -7.57 0.94
C GLN A 147 17.07 -7.95 -0.16
N ALA A 148 16.04 -7.12 -0.36
CA ALA A 148 14.99 -7.39 -1.34
C ALA A 148 15.42 -8.07 -2.63
N ALA A 149 16.41 -7.53 -3.32
CA ALA A 149 16.85 -8.11 -4.59
C ALA A 149 17.55 -9.47 -4.47
N GLU A 150 18.00 -9.80 -3.26
CA GLU A 150 18.72 -11.07 -3.00
C GLU A 150 17.81 -12.18 -2.46
N VAL A 151 16.59 -11.81 -2.09
CA VAL A 151 15.65 -12.76 -1.50
C VAL A 151 15.25 -13.95 -2.37
N ASP A 152 14.96 -13.74 -3.65
CA ASP A 152 14.60 -14.89 -4.48
C ASP A 152 15.74 -15.88 -4.55
N GLY A 153 16.96 -15.38 -4.56
CA GLY A 153 18.15 -16.22 -4.65
C GLY A 153 18.34 -17.02 -3.37
N PHE A 154 18.14 -16.32 -2.26
CA PHE A 154 18.20 -16.90 -0.90
C PHE A 154 17.15 -18.04 -0.81
N ILE A 155 15.93 -17.73 -1.21
CA ILE A 155 14.84 -18.72 -1.16
C ILE A 155 15.24 -19.96 -1.97
N ALA A 156 15.78 -19.73 -3.17
CA ALA A 156 16.15 -20.84 -4.05
C ALA A 156 17.28 -21.63 -3.44
N ALA A 157 18.19 -20.97 -2.73
CA ALA A 157 19.28 -21.70 -2.11
C ALA A 157 18.72 -22.60 -1.00
N LEU A 158 17.79 -22.08 -0.21
CA LEU A 158 17.19 -22.88 0.85
C LEU A 158 16.46 -24.08 0.27
N GLN A 159 15.77 -23.88 -0.85
CA GLN A 159 15.02 -24.98 -1.44
C GLN A 159 15.98 -26.08 -1.89
N GLU A 160 17.12 -25.67 -2.43
CA GLU A 160 18.14 -26.60 -2.89
C GLU A 160 18.73 -27.38 -1.70
N ILE A 161 19.09 -26.68 -0.63
CA ILE A 161 19.59 -27.38 0.53
C ILE A 161 18.52 -28.36 1.05
N ARG A 162 17.26 -27.93 1.09
CA ARG A 162 16.20 -28.81 1.57
C ARG A 162 16.14 -30.08 0.70
N THR A 163 16.21 -29.90 -0.61
CA THR A 163 16.17 -31.07 -1.49
C THR A 163 17.31 -32.01 -1.16
N LEU A 164 18.52 -31.47 -1.04
CA LEU A 164 19.66 -32.34 -0.73
C LEU A 164 19.59 -32.98 0.65
N LEU A 165 19.10 -32.24 1.66
CA LEU A 165 19.00 -32.81 3.00
C LEU A 165 18.00 -33.96 3.08
N ASN A 166 16.87 -33.81 2.38
CA ASN A 166 15.83 -34.84 2.42
C ASN A 166 16.35 -36.10 1.75
N GLN A 167 17.11 -35.91 0.68
CA GLN A 167 17.74 -37.03 0.00
C GLN A 167 18.76 -37.68 0.96
N GLN A 168 19.54 -36.86 1.66
CA GLN A 168 20.53 -37.41 2.58
C GLN A 168 19.86 -38.15 3.75
N THR A 169 18.73 -37.66 4.22
CA THR A 169 18.00 -38.33 5.30
C THR A 169 17.63 -39.75 4.90
N ILE A 170 17.20 -39.92 3.65
CA ILE A 170 16.79 -41.26 3.22
C ILE A 170 18.01 -42.15 3.01
N THR A 171 19.05 -41.58 2.45
CA THR A 171 20.30 -42.29 2.22
C THR A 171 20.96 -42.75 3.50
N ASP A 172 20.74 -42.01 4.58
CA ASP A 172 21.34 -42.33 5.86
C ASP A 172 20.40 -43.03 6.82
N GLY A 173 19.17 -43.33 6.35
CA GLY A 173 18.18 -43.99 7.20
C GLY A 173 17.79 -43.20 8.43
N ARG A 174 17.74 -41.88 8.28
CA ARG A 174 17.48 -40.95 9.39
C ARG A 174 16.03 -40.48 9.53
N GLN A 175 15.10 -41.31 9.09
CA GLN A 175 13.68 -41.01 9.18
C GLN A 175 13.25 -40.63 10.62
N ALA A 176 13.84 -41.27 11.62
CA ALA A 176 13.48 -41.01 13.03
C ALA A 176 14.02 -39.65 13.52
N LEU A 177 15.04 -39.14 12.84
CA LEU A 177 15.61 -37.85 13.26
C LEU A 177 16.16 -37.24 11.97
N PRO A 178 15.25 -36.78 11.11
CA PRO A 178 15.67 -36.20 9.83
C PRO A 178 16.63 -35.04 9.93
N TYR A 179 17.48 -34.89 8.92
CA TYR A 179 18.39 -33.74 8.88
C TYR A 179 17.52 -32.49 8.79
N GLN A 180 17.93 -31.40 9.44
CA GLN A 180 17.08 -30.21 9.41
C GLN A 180 17.74 -28.98 8.82
N LEU A 181 16.91 -27.99 8.53
CA LEU A 181 17.38 -26.71 7.97
C LEU A 181 16.62 -25.64 8.68
N THR A 182 17.35 -24.68 9.26
CA THR A 182 16.70 -23.59 9.95
C THR A 182 17.43 -22.30 9.56
N ILE A 183 16.87 -21.16 9.96
CA ILE A 183 17.61 -19.90 9.79
C ILE A 183 17.34 -19.10 11.05
N ALA A 184 18.21 -18.12 11.31
CA ALA A 184 18.00 -17.15 12.39
C ALA A 184 17.35 -15.99 11.62
N GLY A 185 16.12 -15.64 11.99
CA GLY A 185 15.43 -14.59 11.31
C GLY A 185 15.44 -13.32 12.13
N ALA A 186 15.21 -12.19 11.48
CA ALA A 186 15.15 -10.92 12.21
C ALA A 186 13.99 -10.96 13.21
N GLY A 187 14.21 -10.36 14.38
CA GLY A 187 13.15 -10.29 15.38
C GLY A 187 12.64 -8.86 15.59
N GLY A 188 12.99 -7.98 14.66
CA GLY A 188 12.61 -6.55 14.68
C GLY A 188 12.20 -6.13 13.26
N ALA A 189 11.17 -5.28 13.17
CA ALA A 189 10.60 -4.84 11.89
C ALA A 189 11.56 -4.21 10.88
N PHE A 190 12.57 -3.49 11.34
CA PHE A 190 13.49 -2.84 10.41
C PHE A 190 14.20 -3.83 9.50
N PHE A 191 14.92 -4.78 10.10
CA PHE A 191 15.59 -5.80 9.29
C PHE A 191 14.58 -6.76 8.67
N LEU A 192 13.51 -7.05 9.40
CA LEU A 192 12.53 -7.98 8.88
C LEU A 192 11.95 -7.46 7.55
N SER A 193 11.76 -6.14 7.45
CA SER A 193 11.20 -5.57 6.23
C SER A 193 11.98 -5.91 4.96
N ARG A 194 13.23 -6.36 5.08
CA ARG A 194 14.02 -6.69 3.91
C ARG A 194 13.48 -7.86 3.09
N TYR A 195 12.92 -8.85 3.80
CA TYR A 195 12.42 -10.04 3.12
C TYR A 195 11.02 -10.43 3.54
N TYR A 196 10.41 -9.59 4.34
CA TYR A 196 9.08 -9.84 4.86
C TYR A 196 8.05 -10.30 3.84
N SER A 197 7.95 -9.59 2.71
CA SER A 197 6.95 -9.95 1.71
C SER A 197 7.00 -11.39 1.26
N LYS A 198 8.17 -12.02 1.32
CA LYS A 198 8.30 -13.40 0.88
C LYS A 198 8.55 -14.39 2.02
N LEU A 199 8.04 -14.09 3.20
CA LEU A 199 8.22 -14.95 4.37
C LEU A 199 7.73 -16.37 4.14
N ALA A 200 6.58 -16.52 3.48
CA ALA A 200 6.05 -17.87 3.27
C ALA A 200 7.03 -18.73 2.47
N GLN A 201 7.64 -18.16 1.43
CA GLN A 201 8.57 -18.89 0.58
C GLN A 201 9.87 -19.17 1.34
N ILE A 202 10.23 -18.26 2.23
CA ILE A 202 11.45 -18.45 3.01
C ILE A 202 11.31 -19.57 4.03
N VAL A 203 10.16 -19.61 4.70
CA VAL A 203 9.86 -20.58 5.76
C VAL A 203 9.47 -21.97 5.21
N ALA A 204 8.99 -22.01 3.97
CA ALA A 204 8.59 -23.30 3.41
C ALA A 204 9.62 -24.44 3.50
N PRO A 205 10.90 -24.17 3.15
CA PRO A 205 11.90 -25.24 3.24
C PRO A 205 12.51 -25.50 4.61
N LEU A 206 12.07 -24.74 5.60
CA LEU A 206 12.65 -24.81 6.94
C LEU A 206 11.88 -25.65 7.92
N ASP A 207 12.61 -26.20 8.89
CA ASP A 207 11.93 -26.90 9.99
C ASP A 207 11.51 -25.79 10.97
N TYR A 208 12.35 -24.76 11.09
CA TYR A 208 12.06 -23.65 11.99
C TYR A 208 12.70 -22.36 11.49
N ILE A 209 12.08 -21.24 11.86
CA ILE A 209 12.69 -19.94 11.65
C ILE A 209 12.90 -19.43 13.09
N ASN A 210 14.16 -19.22 13.49
CA ASN A 210 14.45 -18.82 14.85
C ASN A 210 14.59 -17.31 14.94
N LEU A 211 13.57 -16.67 15.51
CA LEU A 211 13.56 -15.22 15.59
C LEU A 211 14.54 -14.66 16.62
N MET A 212 15.32 -13.67 16.21
CA MET A 212 16.27 -13.05 17.12
C MET A 212 15.50 -11.96 17.82
N THR A 213 14.56 -12.38 18.66
CA THR A 213 13.71 -11.44 19.33
C THR A 213 14.37 -10.92 20.60
N TYR A 214 15.50 -10.22 20.40
CA TYR A 214 16.26 -9.59 21.45
C TYR A 214 17.17 -8.56 20.74
N ASP A 215 18.02 -7.86 21.48
CA ASP A 215 18.77 -6.75 20.87
C ASP A 215 17.75 -5.77 20.32
N LEU A 216 16.56 -5.68 20.93
CA LEU A 216 15.57 -4.72 20.42
C LEU A 216 15.80 -3.37 21.07
N ALA A 217 16.85 -3.31 21.88
CA ALA A 217 17.30 -2.05 22.51
C ALA A 217 18.79 -2.19 22.52
N GLY A 218 19.49 -1.07 22.49
CA GLY A 218 20.94 -1.10 22.50
C GLY A 218 21.48 0.31 22.58
N PRO A 219 22.80 0.48 22.71
CA PRO A 219 23.41 1.82 22.79
C PRO A 219 23.30 2.63 21.51
N TRP A 220 22.87 1.99 20.43
CA TRP A 220 22.68 2.66 19.16
C TRP A 220 21.36 3.43 19.18
N GLU A 221 20.58 3.24 20.24
CA GLU A 221 19.30 3.95 20.36
C GLU A 221 19.47 5.05 21.40
N LYS A 222 18.73 6.14 21.21
CA LYS A 222 18.80 7.32 22.09
C LYS A 222 18.29 7.09 23.51
N VAL A 223 17.19 6.34 23.66
CA VAL A 223 16.71 6.11 25.02
C VAL A 223 16.87 4.66 25.41
N THR A 224 17.18 4.43 26.68
CA THR A 224 17.33 3.07 27.16
C THR A 224 15.98 2.38 27.07
N ASN A 225 16.01 1.06 26.86
CA ASN A 225 14.78 0.35 26.79
C ASN A 225 15.09 -1.11 27.04
N HIS A 226 14.04 -1.91 27.18
CA HIS A 226 14.16 -3.35 27.39
C HIS A 226 14.54 -3.95 26.03
N GLN A 227 15.52 -4.85 26.01
CA GLN A 227 15.95 -5.39 24.73
C GLN A 227 15.11 -6.59 24.25
N ALA A 228 14.23 -7.09 25.12
CA ALA A 228 13.40 -8.20 24.72
C ALA A 228 12.07 -8.22 25.46
N ALA A 229 11.40 -7.07 25.47
CA ALA A 229 10.10 -6.92 26.13
C ALA A 229 9.11 -7.86 25.47
N LEU A 230 8.35 -8.62 26.24
CA LEU A 230 7.36 -9.53 25.64
C LEU A 230 6.22 -8.70 25.09
N PHE A 231 5.69 -7.80 25.93
CA PHE A 231 4.60 -6.91 25.50
C PHE A 231 5.07 -5.48 25.66
N GLY A 232 4.28 -4.53 25.14
CA GLY A 232 4.67 -3.14 25.18
C GLY A 232 4.29 -2.36 26.42
N ASP A 233 5.07 -1.32 26.68
CA ASP A 233 4.84 -0.43 27.81
C ASP A 233 4.66 0.93 27.14
N ALA A 234 3.45 1.49 27.26
CA ALA A 234 3.14 2.78 26.67
C ALA A 234 4.07 3.89 27.09
N ALA A 235 4.74 3.72 28.23
CA ALA A 235 5.66 4.74 28.73
C ALA A 235 7.01 4.64 28.03
N GLY A 236 7.23 3.51 27.36
CA GLY A 236 8.49 3.35 26.66
C GLY A 236 8.48 3.93 25.25
N PRO A 237 9.63 3.95 24.58
CA PRO A 237 9.77 4.48 23.21
C PRO A 237 8.96 3.64 22.24
N THR A 238 8.61 4.23 21.09
CA THR A 238 7.86 3.51 20.08
C THR A 238 8.64 3.74 18.81
N PHE A 239 8.39 2.90 17.82
CA PHE A 239 9.15 2.98 16.58
C PHE A 239 8.34 2.98 15.35
N TYR A 240 8.98 3.44 14.28
CA TYR A 240 8.41 3.47 12.95
C TYR A 240 8.21 2.02 12.57
N ASN A 241 7.02 1.68 12.06
CA ASN A 241 6.77 0.30 11.66
C ASN A 241 7.21 0.10 10.22
N ALA A 242 8.47 -0.29 10.05
CA ALA A 242 9.07 -0.50 8.73
C ALA A 242 8.32 -1.44 7.79
N LEU A 243 7.57 -2.38 8.34
CA LEU A 243 6.84 -3.33 7.51
C LEU A 243 5.83 -2.66 6.56
N ARG A 244 5.35 -1.47 6.90
CA ARG A 244 4.40 -0.78 6.00
C ARG A 244 5.07 -0.40 4.68
N GLU A 245 6.41 -0.48 4.65
CA GLU A 245 7.21 -0.13 3.48
C GLU A 245 7.80 -1.37 2.81
N ALA A 246 7.40 -2.55 3.28
CA ALA A 246 7.88 -3.81 2.70
C ALA A 246 7.25 -3.91 1.32
N ASN A 247 7.85 -4.73 0.48
CA ASN A 247 7.46 -4.87 -0.91
C ASN A 247 6.27 -5.81 -1.05
N LEU A 248 5.18 -5.43 -0.40
CA LEU A 248 3.96 -6.25 -0.35
C LEU A 248 2.95 -6.08 -1.49
N GLY A 249 2.83 -4.85 -1.98
CA GLY A 249 1.85 -4.60 -3.03
C GLY A 249 0.46 -4.52 -2.43
N TRP A 250 0.36 -4.26 -1.13
CA TRP A 250 -0.96 -4.18 -0.49
C TRP A 250 -1.50 -2.76 -0.59
N SER A 251 -2.80 -2.60 -0.30
CA SER A 251 -3.44 -1.28 -0.38
C SER A 251 -3.16 -0.51 0.91
N TRP A 252 -3.48 0.79 0.94
CA TRP A 252 -3.26 1.61 2.13
C TRP A 252 -4.03 1.05 3.33
N GLU A 253 -5.30 0.68 3.12
CA GLU A 253 -6.07 0.13 4.21
C GLU A 253 -5.43 -1.14 4.73
N GLU A 254 -4.98 -1.98 3.81
CA GLU A 254 -4.36 -3.25 4.20
C GLU A 254 -3.06 -3.02 4.98
N LEU A 255 -2.22 -2.14 4.46
CA LEU A 255 -0.94 -1.81 5.13
C LEU A 255 -1.18 -1.20 6.51
N THR A 256 -2.15 -0.29 6.59
CA THR A 256 -2.43 0.37 7.84
C THR A 256 -2.97 -0.57 8.93
N ARG A 257 -3.90 -1.43 8.56
CA ARG A 257 -4.46 -2.33 9.54
C ARG A 257 -3.46 -3.40 9.99
N ALA A 258 -2.51 -3.74 9.14
CA ALA A 258 -1.53 -4.76 9.52
C ALA A 258 -0.35 -4.18 10.27
N PHE A 259 -0.01 -2.93 9.95
CA PHE A 259 1.17 -2.31 10.54
C PHE A 259 0.96 -0.97 11.24
N PRO A 260 0.37 -0.98 12.44
CA PRO A 260 0.18 0.31 13.12
C PRO A 260 1.56 0.96 13.36
N SER A 261 1.63 2.29 13.25
CA SER A 261 2.89 2.99 13.42
C SER A 261 2.65 4.37 14.05
N PRO A 262 3.45 4.74 15.06
CA PRO A 262 4.53 3.93 15.62
C PRO A 262 4.00 2.76 16.47
N PHE A 263 4.90 1.85 16.83
CA PHE A 263 4.48 0.71 17.63
C PHE A 263 5.56 0.30 18.62
N SER A 264 5.23 -0.61 19.54
CA SER A 264 6.19 -1.08 20.53
C SER A 264 6.93 -2.30 19.96
N LEU A 265 8.25 -2.17 19.90
CA LEU A 265 9.15 -3.21 19.37
C LEU A 265 9.33 -4.25 20.48
N THR A 266 8.56 -5.32 20.38
CA THR A 266 8.55 -6.34 21.41
C THR A 266 8.60 -7.74 20.78
N VAL A 267 8.75 -8.76 21.61
CA VAL A 267 8.81 -10.15 21.11
C VAL A 267 7.45 -10.46 20.53
N ASP A 268 6.39 -10.04 21.23
CA ASP A 268 5.03 -10.29 20.72
C ASP A 268 4.82 -9.66 19.32
N ALA A 269 5.35 -8.46 19.10
CA ALA A 269 5.19 -7.81 17.81
C ALA A 269 5.79 -8.66 16.71
N ALA A 270 7.02 -9.11 16.92
CA ALA A 270 7.69 -9.91 15.91
C ALA A 270 6.95 -11.21 15.62
N VAL A 271 6.52 -11.89 16.67
CA VAL A 271 5.80 -13.17 16.44
C VAL A 271 4.51 -12.89 15.67
N GLN A 272 3.74 -11.91 16.14
CA GLN A 272 2.49 -11.58 15.46
C GLN A 272 2.72 -11.12 14.02
N GLN A 273 3.82 -10.41 13.75
CA GLN A 273 4.08 -9.96 12.39
C GLN A 273 4.32 -11.17 11.50
N HIS A 274 4.97 -12.20 12.03
CA HIS A 274 5.16 -13.41 11.24
C HIS A 274 3.83 -14.16 11.01
N LEU A 275 3.01 -14.25 12.05
CA LEU A 275 1.71 -14.95 11.92
C LEU A 275 0.73 -14.24 11.00
N MET A 276 0.96 -12.96 10.75
CA MET A 276 0.08 -12.19 9.87
C MET A 276 0.23 -12.58 8.39
N MET A 277 1.35 -13.21 8.03
CA MET A 277 1.57 -13.63 6.65
C MET A 277 0.95 -15.00 6.39
N GLU A 278 0.20 -15.16 5.31
CA GLU A 278 -0.39 -16.47 5.08
C GLU A 278 0.71 -17.44 4.68
N GLY A 279 0.54 -18.70 5.03
CA GLY A 279 1.58 -19.66 4.69
C GLY A 279 2.71 -19.75 5.70
N VAL A 280 2.63 -19.00 6.81
CA VAL A 280 3.69 -19.06 7.82
C VAL A 280 3.06 -19.75 9.02
N PRO A 281 3.33 -21.05 9.22
CA PRO A 281 2.77 -21.81 10.34
C PRO A 281 3.40 -21.48 11.70
N SER A 282 2.56 -21.33 12.70
CA SER A 282 3.03 -21.02 14.04
C SER A 282 4.02 -22.08 14.53
N ALA A 283 3.81 -23.36 14.15
CA ALA A 283 4.71 -24.40 14.64
C ALA A 283 6.15 -24.26 14.15
N LYS A 284 6.39 -23.45 13.12
CA LYS A 284 7.77 -23.29 12.66
C LYS A 284 8.44 -22.06 13.27
N ILE A 285 7.67 -21.22 13.97
CA ILE A 285 8.21 -19.99 14.55
C ILE A 285 8.83 -20.33 15.89
N VAL A 286 10.10 -19.98 16.08
CA VAL A 286 10.77 -20.26 17.35
C VAL A 286 11.14 -18.89 17.94
N MET A 287 10.82 -18.71 19.20
CA MET A 287 11.10 -17.43 19.88
C MET A 287 12.52 -17.40 20.43
N GLY A 288 13.37 -16.48 19.98
CA GLY A 288 14.70 -16.42 20.55
C GLY A 288 14.68 -15.59 21.82
N VAL A 289 15.55 -15.93 22.77
CA VAL A 289 15.66 -15.20 24.03
C VAL A 289 17.16 -15.03 24.30
N PRO A 290 17.54 -13.95 24.98
CA PRO A 290 18.95 -13.72 25.28
C PRO A 290 19.39 -14.28 26.67
N PHE A 291 20.58 -14.86 26.73
CA PHE A 291 21.11 -15.32 28.02
C PHE A 291 22.11 -14.25 28.47
N TYR A 292 21.93 -13.04 27.94
CA TYR A 292 22.83 -11.93 28.30
C TYR A 292 22.03 -10.66 28.42
N GLY A 293 22.61 -9.65 29.07
CA GLY A 293 21.94 -8.37 29.20
C GLY A 293 22.74 -7.25 28.52
N ARG A 294 22.08 -6.12 28.25
CA ARG A 294 22.74 -4.97 27.64
C ARG A 294 22.75 -3.86 28.69
N ALA A 295 23.94 -3.29 28.89
CA ALA A 295 24.11 -2.25 29.90
C ALA A 295 24.37 -0.89 29.28
N PHE A 296 23.84 0.14 29.93
CA PHE A 296 23.96 1.53 29.53
C PHE A 296 24.46 2.35 30.72
N LYS A 297 25.23 3.41 30.46
CA LYS A 297 25.71 4.30 31.52
C LYS A 297 25.13 5.67 31.24
N GLY A 298 25.30 6.59 32.18
CA GLY A 298 24.80 7.93 31.99
C GLY A 298 23.31 8.10 32.01
N VAL A 299 22.58 7.16 32.64
CA VAL A 299 21.13 7.29 32.69
C VAL A 299 20.70 8.14 33.88
N SER A 300 19.49 8.67 33.81
CA SER A 300 18.94 9.50 34.89
C SER A 300 17.84 8.73 35.63
N GLY A 301 17.35 9.31 36.72
CA GLY A 301 16.33 8.63 37.52
C GLY A 301 14.90 8.92 37.13
N GLY A 302 13.95 8.31 37.84
CA GLY A 302 12.55 8.54 37.52
C GLY A 302 11.78 7.30 37.12
N ASN A 303 12.40 6.43 36.32
CA ASN A 303 11.75 5.18 35.90
C ASN A 303 12.78 4.06 36.05
N GLY A 304 13.62 4.16 37.08
CA GLY A 304 14.63 3.14 37.33
C GLY A 304 15.65 2.90 36.23
N GLY A 305 15.99 3.94 35.49
CA GLY A 305 16.98 3.79 34.42
C GLY A 305 16.32 3.53 33.07
N GLN A 306 15.04 3.17 33.11
CA GLN A 306 14.26 2.91 31.90
C GLN A 306 13.89 4.18 31.14
N TYR A 307 13.93 4.10 29.81
CA TYR A 307 13.51 5.16 28.91
C TYR A 307 14.21 6.48 29.16
N SER A 308 15.50 6.38 29.44
CA SER A 308 16.32 7.54 29.74
C SER A 308 17.38 7.77 28.69
N SER A 309 17.81 9.03 28.55
CA SER A 309 18.88 9.33 27.62
C SER A 309 20.09 8.65 28.29
N HIS A 310 21.20 8.49 27.58
CA HIS A 310 22.35 7.81 28.14
C HIS A 310 23.62 8.28 27.42
N SER A 311 24.79 7.84 27.90
CA SER A 311 26.06 8.23 27.28
C SER A 311 26.87 7.00 26.89
N THR A 312 26.17 5.96 26.43
CA THR A 312 26.84 4.72 26.07
C THR A 312 27.23 4.68 24.59
N PRO A 313 28.51 4.41 24.30
CA PRO A 313 28.99 4.35 22.91
C PRO A 313 28.26 3.20 22.21
N GLY A 314 27.80 3.43 20.98
CA GLY A 314 27.08 2.39 20.26
C GLY A 314 27.91 1.66 19.21
N GLU A 315 29.15 2.12 19.02
CA GLU A 315 30.02 1.53 18.02
C GLU A 315 30.69 0.22 18.40
N ASP A 316 31.04 -0.56 17.38
CA ASP A 316 31.75 -1.82 17.56
C ASP A 316 33.02 -1.77 16.71
N PRO A 317 34.17 -2.13 17.31
CA PRO A 317 34.28 -2.57 18.71
C PRO A 317 34.07 -1.43 19.69
N TYR A 318 33.98 -1.79 20.98
CA TYR A 318 33.80 -0.80 22.04
C TYR A 318 34.98 0.16 21.89
N PRO A 319 34.70 1.41 21.50
CA PRO A 319 35.73 2.44 21.29
C PRO A 319 36.30 3.11 22.53
N SER A 320 36.61 2.32 23.55
CA SER A 320 37.13 2.86 24.81
C SER A 320 37.80 1.77 25.66
N THR A 321 38.48 2.20 26.72
CA THR A 321 39.16 1.30 27.65
C THR A 321 38.54 1.41 29.04
N ASP A 322 37.47 2.20 29.13
CA ASP A 322 36.74 2.42 30.37
C ASP A 322 35.65 1.34 30.57
N TYR A 323 35.95 0.35 31.39
CA TYR A 323 35.03 -0.75 31.70
C TYR A 323 34.28 -0.32 32.96
N TRP A 324 33.17 0.40 32.74
CA TRP A 324 32.35 0.98 33.79
C TRP A 324 31.17 0.19 34.36
N LEU A 325 30.97 -1.05 33.91
CA LEU A 325 29.87 -1.84 34.44
C LEU A 325 30.41 -2.50 35.71
N VAL A 326 30.17 -1.83 36.83
CA VAL A 326 30.68 -2.28 38.12
C VAL A 326 30.44 -3.73 38.47
N GLY A 327 31.51 -4.43 38.83
CA GLY A 327 31.40 -5.82 39.24
C GLY A 327 31.41 -6.84 38.11
N CYS A 328 31.37 -6.36 36.87
CA CYS A 328 31.36 -7.28 35.74
C CYS A 328 32.78 -7.63 35.31
N GLU A 329 33.30 -8.72 35.87
CA GLU A 329 34.64 -9.16 35.55
C GLU A 329 34.73 -9.72 34.12
N GLU A 330 33.63 -10.31 33.65
CA GLU A 330 33.67 -10.86 32.28
C GLU A 330 33.80 -9.72 31.27
N CYS A 331 33.31 -8.54 31.64
CA CYS A 331 33.36 -7.37 30.76
C CYS A 331 34.81 -6.92 30.55
N VAL A 332 35.66 -7.13 31.55
CA VAL A 332 37.07 -6.76 31.42
C VAL A 332 37.75 -7.78 30.49
N ARG A 333 37.44 -9.06 30.70
CA ARG A 333 37.99 -10.11 29.86
C ARG A 333 37.64 -9.82 28.39
N ASP A 334 36.38 -9.48 28.13
CA ASP A 334 35.92 -9.21 26.77
C ASP A 334 35.98 -7.77 26.28
N LYS A 335 36.57 -6.89 27.08
CA LYS A 335 36.74 -5.49 26.74
C LYS A 335 35.48 -4.79 26.20
N ASP A 336 34.38 -4.97 26.90
CA ASP A 336 33.14 -4.34 26.52
C ASP A 336 32.21 -4.39 27.73
N PRO A 337 31.90 -3.23 28.32
CA PRO A 337 31.00 -3.22 29.48
C PRO A 337 29.54 -3.12 29.06
N ARG A 338 29.27 -3.16 27.75
CA ARG A 338 27.89 -3.03 27.31
C ARG A 338 27.10 -4.34 27.24
N ILE A 339 27.80 -5.46 27.43
CA ILE A 339 27.15 -6.78 27.39
C ILE A 339 27.63 -7.61 28.56
N ALA A 340 26.71 -8.27 29.25
CA ALA A 340 27.09 -9.10 30.38
C ALA A 340 26.17 -10.31 30.40
N SER A 341 26.79 -11.47 30.54
CA SER A 341 26.07 -12.76 30.59
C SER A 341 25.17 -12.84 31.83
N TYR A 342 24.12 -13.65 31.73
CA TYR A 342 23.24 -13.80 32.89
C TYR A 342 24.09 -14.28 34.07
N ARG A 343 25.05 -15.17 33.79
CA ARG A 343 25.94 -15.71 34.82
C ARG A 343 26.65 -14.58 35.58
N GLN A 344 27.20 -13.65 34.83
CA GLN A 344 27.89 -12.51 35.43
C GLN A 344 26.92 -11.56 36.16
N LEU A 345 25.74 -11.31 35.58
CA LEU A 345 24.75 -10.43 36.20
C LEU A 345 24.26 -11.00 37.54
N GLU A 346 24.08 -12.30 37.60
CA GLU A 346 23.65 -12.97 38.83
C GLU A 346 24.73 -12.75 39.89
N GLN A 347 25.99 -12.86 39.48
CA GLN A 347 27.06 -12.67 40.42
C GLN A 347 27.15 -11.21 40.85
N MET A 348 26.85 -10.29 39.95
CA MET A 348 26.88 -8.88 40.29
C MET A 348 25.77 -8.57 41.32
N LEU A 349 24.61 -9.21 41.17
CA LEU A 349 23.51 -9.01 42.11
C LEU A 349 23.80 -9.53 43.51
N GLN A 350 24.51 -10.65 43.62
CA GLN A 350 24.81 -11.15 44.96
C GLN A 350 26.09 -10.56 45.50
N GLY A 351 26.66 -9.61 44.78
CA GLY A 351 27.91 -9.00 45.20
C GLY A 351 27.80 -7.64 45.89
N ASN A 352 26.59 -7.17 46.17
CA ASN A 352 26.44 -5.86 46.82
C ASN A 352 27.30 -4.81 46.08
N TYR A 353 26.95 -4.56 44.82
CA TYR A 353 27.69 -3.59 44.01
C TYR A 353 26.89 -2.33 43.80
N GLY A 354 25.68 -2.29 44.36
CA GLY A 354 24.85 -1.11 44.20
C GLY A 354 23.71 -1.28 43.21
N TYR A 355 23.52 -2.49 42.69
CA TYR A 355 22.44 -2.74 41.73
C TYR A 355 21.13 -3.11 42.42
N GLN A 356 20.02 -2.62 41.86
CA GLN A 356 18.70 -2.96 42.37
C GLN A 356 18.09 -3.76 41.23
N ARG A 357 17.48 -4.90 41.51
CA ARG A 357 16.81 -5.63 40.44
C ARG A 357 15.38 -5.15 40.49
N LEU A 358 14.90 -4.61 39.37
CA LEU A 358 13.54 -4.13 39.30
C LEU A 358 12.79 -4.97 38.27
N TRP A 359 11.46 -4.81 38.22
CA TRP A 359 10.65 -5.62 37.29
C TRP A 359 9.58 -4.78 36.62
N ASN A 360 9.45 -4.92 35.29
CA ASN A 360 8.42 -4.20 34.58
C ASN A 360 7.34 -5.23 34.32
N ASP A 361 6.18 -5.01 34.92
CA ASP A 361 5.10 -5.95 34.79
C ASP A 361 4.28 -5.85 33.49
N LYS A 362 4.60 -4.87 32.66
CA LYS A 362 3.93 -4.75 31.36
C LYS A 362 4.77 -5.57 30.36
N THR A 363 6.07 -5.28 30.32
CA THR A 363 7.00 -5.96 29.40
C THR A 363 7.31 -7.37 29.91
N LYS A 364 7.08 -7.59 31.20
CA LYS A 364 7.33 -8.87 31.88
C LYS A 364 8.79 -9.26 31.77
N THR A 365 9.66 -8.27 32.00
CA THR A 365 11.10 -8.48 31.99
C THR A 365 11.73 -7.71 33.15
N PRO A 366 12.86 -8.22 33.65
CA PRO A 366 13.61 -7.61 34.75
C PRO A 366 14.64 -6.63 34.17
N TYR A 367 15.17 -5.79 35.04
CA TYR A 367 16.21 -4.86 34.65
C TYR A 367 16.91 -4.46 35.93
N LEU A 368 18.16 -4.03 35.79
CA LEU A 368 18.92 -3.57 36.93
C LEU A 368 19.08 -2.06 36.85
N TYR A 369 19.08 -1.40 38.02
CA TYR A 369 19.30 0.05 38.05
C TYR A 369 20.38 0.30 39.11
N HIS A 370 21.39 1.08 38.74
CA HIS A 370 22.45 1.40 39.65
C HIS A 370 22.26 2.91 39.83
N ALA A 371 21.62 3.26 40.92
CA ALA A 371 21.33 4.67 41.16
C ALA A 371 22.57 5.52 41.40
N GLN A 372 23.59 4.93 42.01
CA GLN A 372 24.82 5.67 42.31
C GLN A 372 25.62 6.06 41.09
N ASN A 373 25.79 5.10 40.17
CA ASN A 373 26.57 5.33 38.95
C ASN A 373 25.77 5.63 37.71
N GLY A 374 24.46 5.61 37.83
CA GLY A 374 23.60 5.89 36.71
C GLY A 374 23.72 4.83 35.63
N LEU A 375 23.51 3.57 35.99
CA LEU A 375 23.60 2.48 35.01
C LEU A 375 22.25 1.76 34.93
N PHE A 376 21.97 1.19 33.76
CA PHE A 376 20.72 0.45 33.54
C PHE A 376 21.10 -0.82 32.77
N VAL A 377 20.50 -1.95 33.14
CA VAL A 377 20.80 -3.19 32.42
C VAL A 377 19.47 -3.88 32.07
N THR A 378 19.29 -4.22 30.81
CA THR A 378 18.08 -4.90 30.41
C THR A 378 18.52 -6.35 30.15
N TYR A 379 17.83 -7.31 30.77
CA TYR A 379 18.21 -8.70 30.60
C TYR A 379 17.01 -9.59 30.80
N ASP A 380 17.21 -10.90 30.67
CA ASP A 380 16.12 -11.85 30.87
C ASP A 380 16.51 -12.85 31.94
N ASP A 381 15.51 -13.45 32.61
CA ASP A 381 15.83 -14.42 33.64
C ASP A 381 14.75 -15.48 33.73
N ALA A 382 14.89 -16.37 34.71
CA ALA A 382 13.94 -17.46 34.86
C ALA A 382 12.50 -16.95 35.03
N GLU A 383 12.33 -15.74 35.55
CA GLU A 383 10.98 -15.19 35.70
C GLU A 383 10.43 -14.70 34.38
N SER A 384 11.20 -13.94 33.62
CA SER A 384 10.68 -13.47 32.34
C SER A 384 10.43 -14.69 31.44
N PHE A 385 11.21 -15.75 31.63
CA PHE A 385 11.04 -16.96 30.83
C PHE A 385 9.71 -17.66 31.10
N LYS A 386 9.12 -17.47 32.28
CA LYS A 386 7.79 -18.07 32.50
C LYS A 386 6.76 -17.50 31.53
N TYR A 387 6.72 -16.18 31.38
CA TYR A 387 5.73 -15.56 30.50
C TYR A 387 6.05 -15.89 29.04
N LYS A 388 7.33 -15.90 28.70
CA LYS A 388 7.66 -16.21 27.30
C LYS A 388 7.32 -17.66 27.01
N ALA A 389 7.58 -18.54 27.96
CA ALA A 389 7.24 -19.96 27.73
C ALA A 389 5.72 -20.11 27.61
N LYS A 390 4.96 -19.40 28.44
CA LYS A 390 3.50 -19.52 28.33
C LYS A 390 3.01 -19.00 26.98
N TYR A 391 3.58 -17.90 26.50
CA TYR A 391 3.23 -17.32 25.20
C TYR A 391 3.52 -18.33 24.07
N ILE A 392 4.66 -19.00 24.17
CA ILE A 392 5.05 -20.00 23.16
C ILE A 392 3.99 -21.10 23.08
N LYS A 393 3.51 -21.51 24.25
CA LYS A 393 2.48 -22.56 24.30
C LYS A 393 1.14 -22.04 23.83
N GLN A 394 0.72 -20.87 24.31
CA GLN A 394 -0.58 -20.31 23.90
C GLN A 394 -0.64 -20.03 22.40
N GLN A 395 0.45 -19.49 21.85
CA GLN A 395 0.52 -19.14 20.44
C GLN A 395 0.91 -20.30 19.56
N GLN A 396 1.09 -21.46 20.18
CA GLN A 396 1.45 -22.67 19.47
C GLN A 396 2.70 -22.54 18.59
N LEU A 397 3.70 -21.90 19.18
CA LEU A 397 5.00 -21.72 18.51
C LEU A 397 5.80 -23.00 18.54
N GLY A 398 6.88 -23.06 17.75
CA GLY A 398 7.66 -24.28 17.70
C GLY A 398 8.54 -24.50 18.90
N GLY A 399 8.89 -23.42 19.60
CA GLY A 399 9.79 -23.61 20.74
C GLY A 399 10.58 -22.35 21.03
N VAL A 400 11.76 -22.49 21.62
CA VAL A 400 12.60 -21.35 22.01
C VAL A 400 14.03 -21.57 21.50
N MET A 401 14.71 -20.46 21.24
CA MET A 401 16.12 -20.51 20.81
C MET A 401 16.83 -19.54 21.74
N PHE A 402 18.10 -19.76 22.04
CA PHE A 402 18.77 -18.77 22.88
C PHE A 402 20.24 -18.66 22.54
N TRP A 403 20.78 -17.47 22.81
CA TRP A 403 22.21 -17.17 22.61
C TRP A 403 22.68 -16.68 23.99
N HIS A 404 23.68 -17.30 24.61
CA HIS A 404 24.25 -18.59 24.17
C HIS A 404 24.55 -19.40 25.42
N LEU A 405 24.76 -20.71 25.25
CA LEU A 405 25.00 -21.64 26.35
C LEU A 405 26.03 -21.25 27.40
N GLY A 406 27.12 -20.61 26.96
CA GLY A 406 28.16 -20.23 27.89
C GLY A 406 27.75 -19.10 28.80
N GLN A 407 26.60 -18.50 28.52
CA GLN A 407 26.17 -17.39 29.34
C GLN A 407 25.19 -17.77 30.43
N ASP A 408 24.73 -19.02 30.43
CA ASP A 408 23.83 -19.47 31.51
C ASP A 408 24.72 -19.57 32.75
N ASN A 409 24.16 -19.66 33.95
CA ASN A 409 25.06 -19.78 35.11
C ASN A 409 25.61 -21.19 35.18
N ARG A 410 26.47 -21.45 36.17
CA ARG A 410 27.08 -22.78 36.29
C ARG A 410 26.09 -23.90 36.48
N ASN A 411 24.97 -23.65 37.14
CA ASN A 411 23.98 -24.71 37.34
C ASN A 411 23.05 -24.89 36.13
N GLY A 412 23.20 -24.04 35.12
CA GLY A 412 22.34 -24.15 33.94
C GLY A 412 20.88 -23.85 34.27
N ASP A 413 20.69 -22.88 35.15
CA ASP A 413 19.35 -22.50 35.59
C ASP A 413 18.44 -21.95 34.51
N LEU A 414 18.95 -21.14 33.57
CA LEU A 414 18.04 -20.58 32.56
C LEU A 414 17.54 -21.70 31.64
N LEU A 415 18.45 -22.58 31.23
CA LEU A 415 18.06 -23.73 30.39
C LEU A 415 17.10 -24.65 31.15
N ALA A 416 17.41 -24.89 32.41
CA ALA A 416 16.58 -25.76 33.23
C ALA A 416 15.18 -25.21 33.35
N ALA A 417 15.06 -23.88 33.44
CA ALA A 417 13.75 -23.23 33.56
C ALA A 417 12.96 -23.39 32.29
N LEU A 418 13.59 -23.16 31.15
CA LEU A 418 12.87 -23.31 29.88
C LEU A 418 12.35 -24.74 29.78
N ASP A 419 13.22 -25.71 30.07
CA ASP A 419 12.81 -27.11 29.99
C ASP A 419 11.64 -27.40 30.96
N ARG A 420 11.74 -26.87 32.19
CA ARG A 420 10.70 -27.03 33.20
C ARG A 420 9.34 -26.53 32.74
N TYR A 421 9.32 -25.33 32.17
CA TYR A 421 8.10 -24.68 31.73
C TYR A 421 7.38 -25.41 30.63
N PHE A 422 8.14 -26.10 29.79
CA PHE A 422 7.52 -26.84 28.70
C PHE A 422 7.18 -28.26 29.08
N ASN A 423 8.06 -28.87 29.88
CA ASN A 423 7.97 -30.28 30.17
C ASN A 423 7.71 -30.85 31.55
N ALA A 424 7.90 -30.06 32.60
CA ALA A 424 7.71 -30.59 33.94
C ALA A 424 6.24 -30.86 34.27
N ALA A 425 5.97 -32.09 34.71
CA ALA A 425 4.62 -32.52 35.07
C ALA A 425 4.08 -31.78 36.28
N ASP A 426 4.96 -31.25 37.11
CA ASP A 426 4.51 -30.54 38.30
C ASP A 426 4.62 -29.00 38.23
N TYR A 427 4.76 -28.45 37.02
CA TYR A 427 4.83 -27.00 36.80
C TYR A 427 3.49 -26.67 36.18
N ASP A 428 2.79 -25.71 36.76
CA ASP A 428 1.45 -25.35 36.27
C ASP A 428 1.40 -23.84 36.08
N ASP A 429 1.33 -23.37 34.83
CA ASP A 429 1.26 -21.93 34.60
C ASP A 429 -0.14 -21.50 34.17
N SER A 430 -1.14 -22.32 34.45
CA SER A 430 -2.51 -21.99 34.09
C SER A 430 -2.96 -20.65 34.68
N GLN A 431 -2.44 -20.28 35.86
CA GLN A 431 -2.83 -19.00 36.47
C GLN A 431 -1.83 -17.89 36.26
N LEU A 432 -0.74 -18.14 35.55
CA LEU A 432 0.26 -17.11 35.32
C LEU A 432 -0.38 -15.93 34.58
N ASP A 433 -0.33 -14.76 35.19
CA ASP A 433 -0.98 -13.56 34.63
C ASP A 433 -0.08 -12.92 33.61
N MET A 434 -0.51 -12.92 32.35
CA MET A 434 0.32 -12.35 31.28
C MET A 434 0.34 -10.83 31.28
N GLY A 435 -0.42 -10.22 32.19
CA GLY A 435 -0.40 -8.77 32.30
C GLY A 435 -1.23 -7.97 31.31
N THR A 436 -1.07 -6.66 31.39
CA THR A 436 -1.81 -5.72 30.55
C THR A 436 -0.93 -4.96 29.57
N GLY A 437 0.32 -5.42 29.39
CA GLY A 437 1.18 -4.73 28.44
C GLY A 437 0.56 -4.71 27.05
N LEU A 438 1.03 -3.80 26.20
CA LEU A 438 0.46 -3.67 24.87
C LEU A 438 0.73 -4.86 23.95
N ARG A 439 -0.34 -5.38 23.37
CA ARG A 439 -0.25 -6.48 22.43
C ARG A 439 -0.20 -5.85 21.04
N TYR A 440 0.42 -6.54 20.08
CA TYR A 440 0.48 -6.01 18.71
C TYR A 440 -0.86 -6.39 18.09
N THR A 441 -1.61 -5.38 17.63
CA THR A 441 -2.94 -5.67 17.07
C THR A 441 -3.10 -5.64 15.55
N GLY A 442 -1.99 -5.71 14.83
CA GLY A 442 -2.12 -5.70 13.38
C GLY A 442 -2.87 -6.93 12.89
N VAL A 443 -3.63 -6.77 11.82
CA VAL A 443 -4.33 -7.89 11.21
C VAL A 443 -3.84 -8.00 9.77
N GLY A 444 -3.54 -9.23 9.34
CA GLY A 444 -3.08 -9.45 7.98
C GLY A 444 -3.75 -10.67 7.37
N PRO A 445 -3.39 -11.05 6.13
CA PRO A 445 -3.98 -12.20 5.42
C PRO A 445 -3.92 -13.50 6.21
N GLY A 446 -2.81 -13.69 6.93
CA GLY A 446 -2.59 -14.89 7.70
C GLY A 446 -3.23 -15.03 9.07
N ASN A 447 -3.77 -13.96 9.63
CA ASN A 447 -4.37 -14.10 10.95
C ASN A 447 -5.74 -13.45 11.02
N LEU A 448 -6.52 -13.58 9.94
CA LEU A 448 -7.85 -12.99 9.92
C LEU A 448 -8.73 -13.76 10.87
N PRO A 449 -9.66 -13.07 11.51
CA PRO A 449 -10.55 -13.76 12.44
C PRO A 449 -11.63 -14.52 11.69
N ILE A 450 -12.17 -15.52 12.36
CA ILE A 450 -13.26 -16.28 11.77
C ILE A 450 -14.46 -15.33 11.87
N MET A 451 -15.25 -15.27 10.80
CA MET A 451 -16.42 -14.40 10.80
C MET A 451 -17.46 -15.07 9.91
N THR A 452 -18.68 -14.56 9.96
CA THR A 452 -19.77 -15.06 9.13
C THR A 452 -20.46 -13.84 8.54
N ALA A 453 -21.04 -14.00 7.37
CA ALA A 453 -21.75 -12.92 6.71
C ALA A 453 -22.51 -13.52 5.56
N PRO A 454 -23.59 -12.87 5.13
CA PRO A 454 -24.40 -13.38 4.01
C PRO A 454 -23.57 -13.48 2.76
N ALA A 455 -23.88 -14.48 1.94
CA ALA A 455 -23.16 -14.68 0.70
C ALA A 455 -23.32 -13.44 -0.18
N TYR A 456 -22.25 -13.12 -0.91
CA TYR A 456 -22.27 -11.97 -1.81
C TYR A 456 -23.27 -12.31 -2.92
N VAL A 457 -24.06 -11.33 -3.32
CA VAL A 457 -25.06 -11.58 -4.37
C VAL A 457 -24.82 -10.69 -5.60
N PRO A 458 -24.42 -11.29 -6.74
CA PRO A 458 -24.19 -10.50 -7.94
C PRO A 458 -25.44 -9.72 -8.28
N GLY A 459 -25.28 -8.44 -8.61
CA GLY A 459 -26.42 -7.60 -8.94
C GLY A 459 -26.90 -6.72 -7.80
N THR A 460 -26.39 -6.98 -6.60
CA THR A 460 -26.76 -6.21 -5.42
C THR A 460 -25.83 -5.02 -5.32
N THR A 461 -26.35 -3.93 -4.76
CA THR A 461 -25.57 -2.72 -4.55
C THR A 461 -25.40 -2.62 -3.03
N TYR A 462 -24.15 -2.54 -2.60
CA TYR A 462 -23.87 -2.49 -1.17
C TYR A 462 -23.48 -1.13 -0.62
N ALA A 463 -23.94 -0.85 0.59
CA ALA A 463 -23.62 0.39 1.26
C ALA A 463 -22.26 0.25 1.94
N GLN A 464 -21.73 1.38 2.40
CA GLN A 464 -20.45 1.38 3.08
C GLN A 464 -20.54 0.58 4.38
N GLY A 465 -19.51 -0.22 4.66
CA GLY A 465 -19.50 -1.01 5.89
C GLY A 465 -20.23 -2.35 5.80
N ALA A 466 -20.86 -2.64 4.67
CA ALA A 466 -21.56 -3.91 4.53
C ALA A 466 -20.57 -5.06 4.51
N LEU A 467 -21.01 -6.23 5.00
CA LEU A 467 -20.19 -7.43 5.05
C LEU A 467 -20.83 -8.56 4.24
N VAL A 468 -19.99 -9.32 3.54
CA VAL A 468 -20.46 -10.46 2.76
C VAL A 468 -19.39 -11.52 2.76
N SER A 469 -19.79 -12.76 2.47
CA SER A 469 -18.82 -13.82 2.36
C SER A 469 -18.70 -14.11 0.86
N TYR A 470 -17.50 -14.44 0.42
CA TYR A 470 -17.26 -14.70 -0.99
C TYR A 470 -15.92 -15.39 -1.07
N GLN A 471 -15.88 -16.47 -1.84
CA GLN A 471 -14.65 -17.21 -2.03
C GLN A 471 -13.98 -17.63 -0.72
N GLY A 472 -14.79 -17.85 0.31
CA GLY A 472 -14.27 -18.30 1.58
C GLY A 472 -13.79 -17.28 2.60
N TYR A 473 -13.97 -16.01 2.31
CA TYR A 473 -13.55 -14.94 3.22
C TYR A 473 -14.72 -14.01 3.45
N VAL A 474 -14.63 -13.19 4.50
CA VAL A 474 -15.66 -12.22 4.76
C VAL A 474 -15.01 -10.87 4.37
N TRP A 475 -15.76 -10.07 3.62
CA TRP A 475 -15.30 -8.78 3.11
C TRP A 475 -16.20 -7.65 3.55
N GLN A 476 -15.61 -6.46 3.64
CA GLN A 476 -16.36 -5.28 4.04
C GLN A 476 -16.13 -4.15 3.02
N THR A 477 -17.16 -3.36 2.73
CA THR A 477 -16.97 -2.26 1.78
C THR A 477 -16.36 -1.04 2.46
N LYS A 478 -15.44 -0.39 1.75
CA LYS A 478 -14.69 0.78 2.22
C LYS A 478 -15.45 2.07 1.95
N TRP A 479 -16.42 2.01 1.05
CA TRP A 479 -17.25 3.17 0.75
C TRP A 479 -18.56 2.61 0.20
N GLY A 480 -19.48 3.50 -0.19
CA GLY A 480 -20.78 3.04 -0.65
C GLY A 480 -21.08 2.91 -2.12
N TYR A 481 -22.26 2.37 -2.40
CA TYR A 481 -22.73 2.15 -3.76
C TYR A 481 -21.81 1.22 -4.51
N ILE A 482 -21.49 0.08 -3.88
CA ILE A 482 -20.60 -0.90 -4.46
C ILE A 482 -21.40 -1.83 -5.34
N THR A 483 -21.06 -1.83 -6.63
CA THR A 483 -21.81 -2.63 -7.56
C THR A 483 -21.08 -3.81 -8.18
N SER A 484 -19.85 -4.08 -7.74
CA SER A 484 -19.18 -5.26 -8.24
C SER A 484 -18.67 -6.13 -7.08
N ALA A 485 -18.08 -7.27 -7.42
CA ALA A 485 -17.68 -8.26 -6.40
C ALA A 485 -16.32 -8.18 -5.74
N PRO A 486 -16.21 -8.80 -4.55
CA PRO A 486 -14.95 -8.83 -3.80
C PRO A 486 -13.95 -9.52 -4.73
N GLY A 487 -12.73 -8.99 -4.76
CA GLY A 487 -11.71 -9.54 -5.63
C GLY A 487 -11.70 -8.91 -7.01
N SER A 488 -12.75 -8.18 -7.36
CA SER A 488 -12.84 -7.54 -8.68
C SER A 488 -13.18 -6.06 -8.57
N ASP A 489 -13.50 -5.63 -7.37
CA ASP A 489 -13.84 -4.24 -7.12
C ASP A 489 -13.02 -3.88 -5.90
N SER A 490 -12.15 -2.89 -6.04
CA SER A 490 -11.26 -2.45 -4.97
C SER A 490 -11.93 -1.89 -3.73
N ALA A 491 -13.25 -1.70 -3.78
CA ALA A 491 -13.95 -1.17 -2.62
C ALA A 491 -14.04 -2.21 -1.49
N TRP A 492 -13.82 -3.47 -1.83
CA TRP A 492 -13.92 -4.53 -0.83
C TRP A 492 -12.61 -4.81 -0.09
N LEU A 493 -12.70 -4.88 1.23
CA LEU A 493 -11.58 -5.18 2.11
C LEU A 493 -11.80 -6.56 2.76
N LYS A 494 -10.82 -7.45 2.67
CA LYS A 494 -10.93 -8.78 3.28
C LYS A 494 -10.77 -8.55 4.79
N VAL A 495 -11.77 -8.90 5.60
CA VAL A 495 -11.68 -8.66 7.03
C VAL A 495 -11.80 -9.90 7.91
N GLY A 496 -12.23 -11.01 7.33
CA GLY A 496 -12.39 -12.23 8.12
C GLY A 496 -12.34 -13.46 7.22
N ARG A 497 -12.35 -14.65 7.83
CA ARG A 497 -12.28 -15.89 7.09
C ARG A 497 -13.38 -16.86 7.48
N VAL A 498 -13.60 -17.85 6.61
CA VAL A 498 -14.60 -18.89 6.80
C VAL A 498 -15.97 -18.29 6.54
N ALA A 499 -16.34 -17.37 7.29
N THR B 3 -2.04 26.73 -28.98
CA THR B 3 -3.11 25.81 -29.53
C THR B 3 -4.48 26.17 -28.95
N ARG B 4 -5.48 26.22 -29.82
CA ARG B 4 -6.84 26.56 -29.41
C ARG B 4 -7.32 25.50 -28.42
N LYS B 5 -8.02 25.95 -27.39
CA LYS B 5 -8.54 25.02 -26.41
C LYS B 5 -9.76 24.32 -26.98
N ALA B 6 -9.89 23.03 -26.68
CA ALA B 6 -11.08 22.31 -27.14
C ALA B 6 -12.33 22.79 -26.38
N VAL B 7 -13.47 22.80 -27.05
CA VAL B 7 -14.74 23.16 -26.42
C VAL B 7 -15.66 22.07 -26.95
N ILE B 8 -15.89 21.08 -26.10
CA ILE B 8 -16.63 19.87 -26.46
C ILE B 8 -18.00 19.85 -25.78
N GLY B 9 -19.05 20.00 -26.58
CA GLY B 9 -20.37 20.02 -26.01
C GLY B 9 -21.20 18.81 -26.43
N TYR B 10 -21.84 18.17 -25.47
CA TYR B 10 -22.71 17.03 -25.77
C TYR B 10 -24.03 17.45 -26.34
N TYR B 11 -24.46 16.72 -27.34
CA TYR B 11 -25.78 16.95 -27.87
C TYR B 11 -26.40 15.58 -27.56
N PHE B 12 -27.30 15.54 -26.60
CA PHE B 12 -28.00 14.33 -26.19
C PHE B 12 -29.44 14.37 -26.63
N ILE B 13 -29.88 13.31 -27.29
CA ILE B 13 -31.26 13.26 -27.71
C ILE B 13 -31.75 11.82 -27.55
N PRO B 14 -32.79 11.63 -26.73
CA PRO B 14 -33.36 10.29 -26.49
C PRO B 14 -33.96 9.69 -27.76
N THR B 15 -34.03 8.37 -27.80
CA THR B 15 -34.56 7.68 -28.97
C THR B 15 -35.97 8.17 -29.35
N ASN B 16 -36.81 8.45 -28.36
CA ASN B 16 -38.17 8.91 -28.65
C ASN B 16 -38.18 10.28 -29.34
N GLN B 17 -37.19 11.11 -29.04
CA GLN B 17 -37.11 12.44 -29.65
C GLN B 17 -36.57 12.35 -31.06
N ILE B 18 -35.65 11.42 -31.28
CA ILE B 18 -35.10 11.20 -32.62
C ILE B 18 -36.28 10.76 -33.51
N ASN B 19 -37.01 9.74 -33.04
CA ASN B 19 -38.11 9.18 -33.80
C ASN B 19 -39.25 10.17 -34.07
N ASN B 20 -39.42 11.17 -33.22
CA ASN B 20 -40.48 12.15 -33.44
C ASN B 20 -39.87 13.52 -33.65
N TYR B 21 -38.63 13.51 -34.12
CA TYR B 21 -37.89 14.75 -34.27
C TYR B 21 -38.63 15.85 -35.00
N THR B 22 -38.64 17.03 -34.38
CA THR B 22 -39.28 18.19 -34.96
C THR B 22 -38.56 19.42 -34.43
N GLU B 23 -38.49 20.46 -35.25
CA GLU B 23 -37.85 21.70 -34.83
C GLU B 23 -38.88 22.81 -34.58
N THR B 24 -40.14 22.41 -34.43
CA THR B 24 -41.21 23.39 -34.20
C THR B 24 -42.13 23.05 -33.01
N ASP B 25 -41.69 22.14 -32.15
CA ASP B 25 -42.50 21.78 -30.99
C ASP B 25 -41.59 21.42 -29.79
N THR B 26 -41.27 22.40 -28.96
CA THR B 26 -40.42 22.16 -27.80
C THR B 26 -40.99 21.18 -26.77
N SER B 27 -42.29 20.89 -26.85
CA SER B 27 -42.87 19.92 -25.92
C SER B 27 -42.54 18.50 -26.38
N VAL B 28 -42.06 18.38 -27.62
CA VAL B 28 -41.67 17.07 -28.18
C VAL B 28 -40.13 17.00 -28.23
N VAL B 29 -39.50 18.06 -28.73
CA VAL B 29 -38.05 18.14 -28.81
C VAL B 29 -37.67 19.51 -28.27
N PRO B 30 -37.34 19.57 -26.98
CA PRO B 30 -36.96 20.78 -26.25
C PRO B 30 -35.75 21.46 -26.86
N PHE B 31 -34.86 20.68 -27.42
CA PHE B 31 -33.67 21.28 -27.96
C PHE B 31 -33.27 20.76 -29.34
N PRO B 32 -33.96 21.24 -30.38
CA PRO B 32 -33.59 20.78 -31.71
C PRO B 32 -32.26 21.37 -32.17
N VAL B 33 -31.67 20.72 -33.16
CA VAL B 33 -30.39 21.13 -33.69
C VAL B 33 -30.45 22.56 -34.19
N SER B 34 -31.62 22.98 -34.65
CA SER B 34 -31.76 24.34 -35.15
C SER B 34 -31.43 25.41 -34.11
N ASN B 35 -31.39 25.03 -32.83
CA ASN B 35 -31.03 25.99 -31.76
C ASN B 35 -29.53 26.29 -31.82
N ILE B 36 -28.78 25.46 -32.53
CA ILE B 36 -27.34 25.68 -32.69
C ILE B 36 -27.15 26.50 -33.97
N THR B 37 -26.99 27.80 -33.79
CA THR B 37 -26.79 28.77 -34.87
C THR B 37 -25.35 28.76 -35.32
N PRO B 38 -25.04 29.46 -36.44
CA PRO B 38 -23.65 29.49 -36.90
C PRO B 38 -22.69 30.01 -35.83
N ALA B 39 -23.16 31.00 -35.07
CA ALA B 39 -22.34 31.59 -34.01
C ALA B 39 -21.96 30.54 -32.97
N LYS B 40 -22.94 29.72 -32.57
CA LYS B 40 -22.68 28.67 -31.59
C LYS B 40 -21.78 27.59 -32.20
N ALA B 41 -22.02 27.26 -33.48
CA ALA B 41 -21.20 26.26 -34.15
C ALA B 41 -19.73 26.69 -34.17
N LYS B 42 -19.50 28.00 -34.29
CA LYS B 42 -18.12 28.52 -34.34
C LYS B 42 -17.46 28.54 -32.95
N GLN B 43 -18.27 28.48 -31.91
CA GLN B 43 -17.78 28.49 -30.51
C GLN B 43 -17.39 27.11 -30.03
N LEU B 44 -17.82 26.08 -30.77
CA LEU B 44 -17.53 24.70 -30.42
C LEU B 44 -16.41 24.14 -31.27
N THR B 45 -15.65 23.19 -30.73
CA THR B 45 -14.63 22.53 -31.57
C THR B 45 -15.15 21.12 -31.82
N HIS B 46 -15.95 20.62 -30.89
CA HIS B 46 -16.54 19.28 -31.00
C HIS B 46 -17.95 19.23 -30.45
N ILE B 47 -18.79 18.42 -31.08
CA ILE B 47 -20.12 18.15 -30.56
C ILE B 47 -20.13 16.63 -30.41
N ASN B 48 -20.42 16.16 -29.21
CA ASN B 48 -20.48 14.71 -29.00
C ASN B 48 -21.94 14.32 -29.09
N PHE B 49 -22.32 13.74 -30.22
CA PHE B 49 -23.69 13.29 -30.37
C PHE B 49 -23.84 12.06 -29.48
N SER B 50 -24.92 12.00 -28.68
CA SER B 50 -25.09 10.90 -27.73
C SER B 50 -26.53 10.41 -27.62
N PHE B 51 -26.76 9.10 -27.43
CA PHE B 51 -25.73 8.08 -27.27
C PHE B 51 -25.97 6.89 -28.18
N LEU B 52 -24.88 6.28 -28.61
CA LEU B 52 -24.99 5.02 -29.33
C LEU B 52 -24.61 3.97 -28.27
N ASP B 53 -24.65 2.69 -28.63
CA ASP B 53 -24.39 1.64 -27.65
C ASP B 53 -23.57 0.52 -28.28
N ILE B 54 -23.42 -0.57 -27.52
CA ILE B 54 -22.75 -1.76 -27.99
C ILE B 54 -23.84 -2.83 -27.83
N ASN B 55 -24.20 -3.48 -28.91
CA ASN B 55 -25.26 -4.49 -28.83
C ASN B 55 -24.78 -5.89 -28.43
N SER B 56 -25.71 -6.85 -28.36
CA SER B 56 -25.35 -8.20 -27.96
C SER B 56 -24.44 -8.88 -28.97
N ASN B 57 -24.36 -8.34 -30.18
CA ASN B 57 -23.44 -8.89 -31.20
C ASN B 57 -22.04 -8.30 -30.94
N LEU B 58 -21.97 -7.46 -29.93
CA LEU B 58 -20.70 -6.86 -29.53
C LEU B 58 -20.14 -5.91 -30.58
N GLU B 59 -21.03 -5.18 -31.22
CA GLU B 59 -20.66 -4.17 -32.21
C GLU B 59 -21.33 -2.87 -31.78
N CYS B 60 -20.75 -1.76 -32.22
CA CYS B 60 -21.31 -0.42 -31.96
C CYS B 60 -22.61 -0.38 -32.76
N ALA B 61 -23.67 0.16 -32.19
CA ALA B 61 -24.95 0.20 -32.88
C ALA B 61 -25.90 1.19 -32.24
N TRP B 62 -26.89 1.63 -33.01
CA TRP B 62 -27.90 2.53 -32.48
C TRP B 62 -28.86 1.67 -31.68
N ASP B 63 -29.59 2.29 -30.77
CA ASP B 63 -30.64 1.60 -29.99
C ASP B 63 -31.53 0.99 -31.11
N PRO B 64 -31.85 -0.31 -31.01
CA PRO B 64 -32.68 -1.02 -32.00
C PRO B 64 -34.02 -0.33 -32.32
N ALA B 65 -34.53 0.45 -31.39
CA ALA B 65 -35.83 1.15 -31.53
C ALA B 65 -35.74 2.48 -32.33
N THR B 66 -34.53 2.85 -32.70
CA THR B 66 -34.32 4.07 -33.49
C THR B 66 -34.81 3.99 -34.94
N ASN B 67 -35.55 5.00 -35.37
CA ASN B 67 -35.96 5.07 -36.78
C ASN B 67 -34.66 5.54 -37.46
N ASP B 68 -34.07 4.69 -38.28
CA ASP B 68 -32.79 5.01 -38.89
C ASP B 68 -32.77 6.25 -39.76
N ALA B 69 -33.82 6.45 -40.57
CA ALA B 69 -33.87 7.64 -41.43
C ALA B 69 -33.88 8.88 -40.55
N LYS B 70 -34.67 8.84 -39.48
CA LYS B 70 -34.77 10.01 -38.60
C LYS B 70 -33.44 10.26 -37.91
N ALA B 71 -32.72 9.17 -37.60
CA ALA B 71 -31.40 9.28 -36.95
C ALA B 71 -30.43 9.98 -37.90
N ARG B 72 -30.41 9.55 -39.15
CA ARG B 72 -29.52 10.18 -40.14
C ARG B 72 -29.83 11.66 -40.32
N ASP B 73 -31.11 12.00 -40.28
CA ASP B 73 -31.53 13.39 -40.45
C ASP B 73 -31.03 14.23 -39.28
N VAL B 74 -31.17 13.72 -38.05
CA VAL B 74 -30.67 14.50 -36.92
C VAL B 74 -29.16 14.71 -37.04
N VAL B 75 -28.44 13.62 -37.29
CA VAL B 75 -26.98 13.71 -37.46
C VAL B 75 -26.63 14.66 -38.60
N ASN B 76 -27.35 14.58 -39.73
CA ASN B 76 -27.07 15.51 -40.83
C ASN B 76 -27.22 16.96 -40.41
N ARG B 77 -28.18 17.26 -39.56
CA ARG B 77 -28.36 18.66 -39.12
C ARG B 77 -27.10 19.10 -38.35
N LEU B 78 -26.52 18.17 -37.63
CA LEU B 78 -25.32 18.45 -36.86
C LEU B 78 -24.10 18.58 -37.77
N THR B 79 -23.88 17.65 -38.69
CA THR B 79 -22.70 17.75 -39.53
C THR B 79 -22.79 18.94 -40.50
N ALA B 80 -24.01 19.41 -40.79
CA ALA B 80 -24.16 20.57 -41.67
C ALA B 80 -23.58 21.79 -40.96
N LEU B 81 -23.49 21.76 -39.62
CA LEU B 81 -22.92 22.90 -38.91
C LEU B 81 -21.46 23.12 -39.28
N LYS B 82 -20.83 22.08 -39.79
CA LYS B 82 -19.42 22.15 -40.18
C LYS B 82 -19.17 23.20 -41.27
N ALA B 83 -20.22 23.56 -42.01
CA ALA B 83 -20.10 24.57 -43.05
C ALA B 83 -19.71 25.91 -42.41
N HIS B 84 -20.05 26.08 -41.13
CA HIS B 84 -19.75 27.33 -40.44
C HIS B 84 -18.45 27.33 -39.66
N ASN B 85 -17.81 26.18 -39.55
CA ASN B 85 -16.57 26.14 -38.76
C ASN B 85 -15.75 24.96 -39.24
N PRO B 86 -14.70 25.23 -40.04
CA PRO B 86 -13.84 24.18 -40.59
C PRO B 86 -13.01 23.37 -39.57
N SER B 87 -13.08 23.75 -38.30
CA SER B 87 -12.39 23.01 -37.24
C SER B 87 -13.38 22.11 -36.49
N LEU B 88 -14.68 22.32 -36.69
CA LEU B 88 -15.70 21.56 -35.94
C LEU B 88 -15.75 20.08 -36.27
N ARG B 89 -15.86 19.24 -35.25
CA ARG B 89 -16.02 17.81 -35.46
C ARG B 89 -17.31 17.35 -34.78
N ILE B 90 -18.08 16.50 -35.46
CA ILE B 90 -19.28 15.94 -34.83
C ILE B 90 -18.86 14.51 -34.48
N MET B 91 -18.56 14.29 -33.20
CA MET B 91 -18.14 13.00 -32.67
C MET B 91 -19.40 12.25 -32.32
N PHE B 92 -19.31 10.93 -32.15
CA PHE B 92 -20.50 10.23 -31.62
C PHE B 92 -20.01 9.52 -30.38
N SER B 93 -20.83 9.51 -29.32
CA SER B 93 -20.47 8.87 -28.08
C SER B 93 -21.17 7.52 -27.88
N ILE B 94 -20.36 6.52 -27.55
CA ILE B 94 -20.88 5.17 -27.26
C ILE B 94 -20.87 4.96 -25.74
N GLY B 95 -22.05 4.68 -25.16
CA GLY B 95 -22.11 4.41 -23.74
C GLY B 95 -23.01 5.33 -22.96
N GLY B 96 -22.41 5.98 -21.98
CA GLY B 96 -23.16 6.86 -21.11
C GLY B 96 -23.58 6.04 -19.90
N TRP B 97 -24.04 6.70 -18.84
CA TRP B 97 -24.42 5.96 -17.62
C TRP B 97 -25.53 4.91 -17.80
N TYR B 98 -26.64 5.29 -18.41
CA TYR B 98 -27.76 4.34 -18.57
C TYR B 98 -27.36 3.02 -19.21
N TYR B 99 -26.62 3.09 -20.31
CA TYR B 99 -26.20 1.87 -20.97
C TYR B 99 -25.06 1.08 -20.35
N SER B 100 -24.05 1.80 -19.85
CA SER B 100 -22.80 1.17 -19.41
C SER B 100 -22.42 1.03 -17.93
N ASN B 101 -23.20 1.60 -17.01
CA ASN B 101 -22.88 1.45 -15.61
C ASN B 101 -22.98 -0.06 -15.31
N ASP B 102 -22.34 -0.51 -14.23
CA ASP B 102 -22.29 -1.94 -13.88
C ASP B 102 -23.65 -2.63 -13.96
N LEU B 103 -24.69 -1.91 -13.54
CA LEU B 103 -26.04 -2.44 -13.53
C LEU B 103 -26.88 -2.00 -14.70
N GLY B 104 -26.23 -1.40 -15.70
CA GLY B 104 -26.90 -0.90 -16.88
C GLY B 104 -27.34 -1.98 -17.87
N VAL B 105 -28.32 -1.66 -18.69
CA VAL B 105 -28.84 -2.63 -19.63
C VAL B 105 -27.82 -3.22 -20.60
N SER B 106 -26.77 -2.50 -20.94
CA SER B 106 -25.82 -3.08 -21.91
C SER B 106 -24.44 -3.36 -21.38
N HIS B 107 -24.25 -3.25 -20.07
CA HIS B 107 -22.92 -3.43 -19.47
C HIS B 107 -22.15 -4.67 -19.93
N ALA B 108 -22.83 -5.82 -19.99
CA ALA B 108 -22.16 -7.02 -20.44
C ALA B 108 -21.54 -6.89 -21.81
N ASN B 109 -22.23 -6.20 -22.73
CA ASN B 109 -21.71 -6.04 -24.08
C ASN B 109 -20.38 -5.27 -24.08
N TYR B 110 -20.24 -4.31 -23.17
CA TYR B 110 -18.97 -3.55 -23.09
C TYR B 110 -17.87 -4.50 -22.58
N VAL B 111 -18.17 -5.25 -21.53
CA VAL B 111 -17.18 -6.17 -20.98
C VAL B 111 -16.74 -7.24 -21.98
N ASN B 112 -17.71 -7.81 -22.69
CA ASN B 112 -17.40 -8.87 -23.64
C ASN B 112 -16.77 -8.38 -24.94
N ALA B 113 -17.13 -7.18 -25.40
CA ALA B 113 -16.57 -6.69 -26.65
C ALA B 113 -15.06 -6.48 -26.57
N VAL B 114 -14.56 -6.13 -25.37
CA VAL B 114 -13.12 -5.87 -25.27
C VAL B 114 -12.26 -7.05 -24.84
N LYS B 115 -12.88 -8.23 -24.74
CA LYS B 115 -12.18 -9.42 -24.26
C LYS B 115 -11.02 -10.04 -25.05
N THR B 116 -11.19 -10.22 -26.36
CA THR B 116 -10.14 -10.89 -27.11
C THR B 116 -9.70 -10.13 -28.33
N PRO B 117 -8.62 -10.58 -28.98
CA PRO B 117 -8.20 -9.84 -30.17
C PRO B 117 -9.30 -9.82 -31.21
N ALA B 118 -10.00 -10.94 -31.35
CA ALA B 118 -11.09 -11.03 -32.31
C ALA B 118 -12.27 -10.12 -31.96
N SER B 119 -12.71 -10.16 -30.70
CA SER B 119 -13.86 -9.32 -30.32
C SER B 119 -13.51 -7.83 -30.45
N ARG B 120 -12.28 -7.48 -30.07
CA ARG B 120 -11.84 -6.10 -30.16
C ARG B 120 -11.76 -5.63 -31.61
N ALA B 121 -11.28 -6.50 -32.49
CA ALA B 121 -11.21 -6.16 -33.90
C ALA B 121 -12.62 -5.95 -34.46
N LYS B 122 -13.54 -6.84 -34.12
CA LYS B 122 -14.90 -6.72 -34.61
C LYS B 122 -15.57 -5.44 -34.13
N PHE B 123 -15.41 -5.18 -32.83
CA PHE B 123 -15.99 -3.98 -32.25
C PHE B 123 -15.35 -2.73 -32.84
N ALA B 124 -14.02 -2.69 -32.95
CA ALA B 124 -13.37 -1.49 -33.50
C ALA B 124 -13.76 -1.27 -34.95
N GLN B 125 -13.91 -2.34 -35.73
CA GLN B 125 -14.30 -2.17 -37.11
C GLN B 125 -15.72 -1.59 -37.18
N SER B 126 -16.59 -2.00 -36.26
CA SER B 126 -17.97 -1.51 -36.28
C SER B 126 -18.02 -0.03 -35.91
N CYS B 127 -17.13 0.41 -35.03
CA CYS B 127 -17.09 1.83 -34.66
C CYS B 127 -16.76 2.67 -35.88
N VAL B 128 -15.73 2.26 -36.62
CA VAL B 128 -15.35 3.01 -37.82
C VAL B 128 -16.43 2.91 -38.90
N ARG B 129 -17.12 1.78 -38.99
CA ARG B 129 -18.19 1.66 -39.99
C ARG B 129 -19.34 2.62 -39.68
N ILE B 130 -19.76 2.67 -38.42
CA ILE B 130 -20.84 3.57 -38.01
C ILE B 130 -20.37 5.00 -38.28
N MET B 131 -19.13 5.27 -37.90
CA MET B 131 -18.59 6.62 -38.08
C MET B 131 -18.73 7.05 -39.52
N LYS B 132 -18.28 6.22 -40.47
CA LYS B 132 -18.38 6.57 -41.90
C LYS B 132 -19.81 6.55 -42.49
N ASP B 133 -20.62 5.61 -42.04
CA ASP B 133 -21.96 5.47 -42.53
C ASP B 133 -22.82 6.68 -42.22
N TYR B 134 -22.69 7.22 -41.00
CA TYR B 134 -23.52 8.34 -40.58
C TYR B 134 -22.91 9.71 -40.75
N GLY B 135 -21.61 9.72 -40.99
CA GLY B 135 -20.94 10.97 -41.25
C GLY B 135 -20.27 11.65 -40.10
N PHE B 136 -19.95 10.88 -39.06
CA PHE B 136 -19.30 11.43 -37.86
C PHE B 136 -17.82 11.63 -38.12
N ASP B 137 -17.19 12.42 -37.25
CA ASP B 137 -15.79 12.79 -37.38
C ASP B 137 -14.87 12.15 -36.34
N GLY B 138 -15.42 11.28 -35.52
CA GLY B 138 -14.59 10.64 -34.51
C GLY B 138 -15.44 9.78 -33.62
N VAL B 139 -14.78 9.04 -32.74
CA VAL B 139 -15.42 8.12 -31.82
C VAL B 139 -15.11 8.53 -30.39
N ASP B 140 -16.15 8.58 -29.56
CA ASP B 140 -15.98 8.88 -28.15
C ASP B 140 -16.59 7.73 -27.37
N ILE B 141 -15.84 7.18 -26.43
CA ILE B 141 -16.41 6.08 -25.67
C ILE B 141 -16.61 6.49 -24.23
N ASP B 142 -17.84 6.34 -23.75
CA ASP B 142 -18.19 6.71 -22.37
C ASP B 142 -18.66 5.54 -21.53
N TRP B 143 -17.77 4.58 -21.28
CA TRP B 143 -18.07 3.42 -20.46
C TRP B 143 -17.83 3.89 -19.03
N GLU B 144 -18.88 3.84 -18.22
CA GLU B 144 -18.82 4.29 -16.83
C GLU B 144 -18.96 3.13 -15.81
N TYR B 145 -17.90 2.39 -15.49
CA TYR B 145 -16.52 2.55 -15.98
C TYR B 145 -15.89 1.18 -16.00
N PRO B 146 -14.83 0.99 -16.82
CA PRO B 146 -14.26 -0.36 -16.77
C PRO B 146 -13.50 -0.55 -15.46
N GLN B 147 -13.42 -1.79 -14.99
CA GLN B 147 -12.63 -2.02 -13.78
C GLN B 147 -11.90 -3.34 -13.84
N ALA B 148 -11.06 -3.61 -12.84
CA ALA B 148 -10.35 -4.89 -12.75
C ALA B 148 -9.79 -5.45 -14.07
N ALA B 149 -10.16 -6.69 -14.36
CA ALA B 149 -9.70 -7.43 -15.54
C ALA B 149 -10.11 -6.83 -16.86
N GLU B 150 -11.09 -5.92 -16.82
CA GLU B 150 -11.60 -5.29 -18.02
C GLU B 150 -10.70 -4.22 -18.59
N VAL B 151 -9.87 -3.63 -17.74
CA VAL B 151 -9.06 -2.52 -18.20
C VAL B 151 -8.08 -2.84 -19.30
N ASP B 152 -7.36 -3.96 -19.21
CA ASP B 152 -6.42 -4.28 -20.27
C ASP B 152 -7.11 -4.45 -21.61
N GLY B 153 -8.29 -5.04 -21.59
CA GLY B 153 -9.05 -5.24 -22.81
C GLY B 153 -9.49 -3.92 -23.41
N PHE B 154 -9.95 -3.03 -22.53
CA PHE B 154 -10.42 -1.69 -22.86
C PHE B 154 -9.26 -0.97 -23.54
N ILE B 155 -8.09 -1.00 -22.91
CA ILE B 155 -6.91 -0.35 -23.50
C ILE B 155 -6.63 -0.89 -24.90
N ALA B 156 -6.62 -2.21 -25.05
CA ALA B 156 -6.35 -2.81 -26.36
C ALA B 156 -7.44 -2.44 -27.37
N ALA B 157 -8.67 -2.27 -26.92
CA ALA B 157 -9.75 -1.91 -27.87
C ALA B 157 -9.52 -0.48 -28.36
N LEU B 158 -9.09 0.39 -27.44
CA LEU B 158 -8.84 1.78 -27.78
C LEU B 158 -7.67 1.85 -28.76
N GLN B 159 -6.67 1.01 -28.53
CA GLN B 159 -5.51 0.99 -29.39
C GLN B 159 -5.93 0.55 -30.79
N GLU B 160 -6.81 -0.44 -30.86
CA GLU B 160 -7.28 -0.95 -32.13
C GLU B 160 -8.09 0.08 -32.87
N ILE B 161 -8.99 0.79 -32.19
CA ILE B 161 -9.77 1.81 -32.85
C ILE B 161 -8.83 2.90 -33.37
N ARG B 162 -7.83 3.25 -32.58
CA ARG B 162 -6.89 4.27 -33.00
C ARG B 162 -6.20 3.85 -34.32
N THR B 163 -5.76 2.61 -34.40
CA THR B 163 -5.12 2.13 -35.61
C THR B 163 -6.06 2.24 -36.80
N LEU B 164 -7.32 1.80 -36.63
CA LEU B 164 -8.28 1.88 -37.72
C LEU B 164 -8.65 3.31 -38.10
N LEU B 165 -8.71 4.21 -37.13
CA LEU B 165 -9.04 5.59 -37.45
C LEU B 165 -7.91 6.24 -38.22
N ASN B 166 -6.68 5.97 -37.80
CA ASN B 166 -5.55 6.58 -38.47
C ASN B 166 -5.47 6.15 -39.93
N GLN B 167 -5.79 4.90 -40.18
CA GLN B 167 -5.78 4.40 -41.54
C GLN B 167 -6.94 5.03 -42.31
N GLN B 168 -8.08 5.19 -41.64
CA GLN B 168 -9.22 5.79 -42.33
C GLN B 168 -8.91 7.23 -42.69
N THR B 169 -8.20 7.93 -41.81
CA THR B 169 -7.81 9.29 -42.07
C THR B 169 -6.98 9.36 -43.37
N ILE B 170 -6.01 8.47 -43.52
CA ILE B 170 -5.17 8.44 -44.73
C ILE B 170 -6.02 8.05 -45.94
N THR B 171 -6.85 7.03 -45.79
CA THR B 171 -7.70 6.57 -46.89
C THR B 171 -8.61 7.66 -47.40
N ASP B 172 -9.15 8.46 -46.48
CA ASP B 172 -10.07 9.53 -46.86
C ASP B 172 -9.40 10.85 -47.17
N GLY B 173 -8.09 10.92 -47.06
CA GLY B 173 -7.42 12.17 -47.32
C GLY B 173 -7.84 13.23 -46.31
N ARG B 174 -8.07 12.77 -45.08
CA ARG B 174 -8.52 13.65 -43.99
C ARG B 174 -7.41 14.20 -43.09
N GLN B 175 -6.20 14.28 -43.64
CA GLN B 175 -5.09 14.79 -42.85
C GLN B 175 -5.33 16.16 -42.23
N ALA B 176 -6.15 16.99 -42.89
CA ALA B 176 -6.44 18.34 -42.37
C ALA B 176 -7.41 18.33 -41.19
N LEU B 177 -8.10 17.21 -40.98
CA LEU B 177 -9.05 17.13 -39.86
C LEU B 177 -9.18 15.65 -39.61
N PRO B 178 -8.10 15.03 -39.10
CA PRO B 178 -8.04 13.59 -38.81
C PRO B 178 -9.13 13.11 -37.91
N TYR B 179 -9.57 11.87 -38.14
CA TYR B 179 -10.59 11.28 -37.27
C TYR B 179 -9.98 11.18 -35.87
N GLN B 180 -10.81 11.42 -34.87
CA GLN B 180 -10.33 11.44 -33.49
C GLN B 180 -10.95 10.40 -32.58
N LEU B 181 -10.31 10.17 -31.45
CA LEU B 181 -10.78 9.18 -30.48
C LEU B 181 -10.66 9.77 -29.11
N THR B 182 -11.77 9.77 -28.36
CA THR B 182 -11.75 10.29 -27.01
C THR B 182 -12.56 9.38 -26.11
N ILE B 183 -12.46 9.62 -24.80
CA ILE B 183 -13.32 8.92 -23.87
C ILE B 183 -13.77 9.94 -22.81
N ALA B 184 -14.87 9.61 -22.13
CA ALA B 184 -15.33 10.42 -21.00
C ALA B 184 -14.71 9.67 -19.82
N GLY B 185 -13.96 10.38 -18.97
CA GLY B 185 -13.35 9.73 -17.82
C GLY B 185 -13.96 10.17 -16.50
N ALA B 186 -13.82 9.32 -15.46
CA ALA B 186 -14.35 9.64 -14.12
C ALA B 186 -13.71 10.95 -13.67
N GLY B 187 -14.50 11.77 -12.97
CA GLY B 187 -14.04 13.06 -12.48
C GLY B 187 -13.91 13.03 -10.96
N GLY B 188 -14.13 11.85 -10.37
CA GLY B 188 -14.06 11.66 -8.92
C GLY B 188 -13.26 10.41 -8.57
N ALA B 189 -12.52 10.44 -7.44
CA ALA B 189 -11.62 9.34 -7.07
C ALA B 189 -12.26 7.95 -6.89
N PHE B 190 -13.50 7.90 -6.43
CA PHE B 190 -14.12 6.60 -6.24
C PHE B 190 -14.20 5.82 -7.53
N PHE B 191 -14.79 6.42 -8.57
CA PHE B 191 -14.84 5.70 -9.84
C PHE B 191 -13.48 5.66 -10.50
N LEU B 192 -12.72 6.76 -10.38
CA LEU B 192 -11.39 6.79 -10.99
C LEU B 192 -10.48 5.63 -10.50
N SER B 193 -10.63 5.24 -9.23
CA SER B 193 -9.78 4.17 -8.67
C SER B 193 -9.91 2.85 -9.46
N ARG B 194 -11.00 2.69 -10.18
CA ARG B 194 -11.22 1.46 -10.97
C ARG B 194 -10.13 1.22 -12.01
N TYR B 195 -9.68 2.28 -12.68
CA TYR B 195 -8.67 2.13 -13.74
C TYR B 195 -7.46 3.02 -13.60
N TYR B 196 -7.43 3.79 -12.51
CA TYR B 196 -6.35 4.74 -12.27
C TYR B 196 -4.92 4.25 -12.55
N SER B 197 -4.58 3.06 -12.05
CA SER B 197 -3.22 2.53 -12.24
C SER B 197 -2.75 2.44 -13.69
N LYS B 198 -3.67 2.31 -14.63
CA LYS B 198 -3.31 2.21 -16.04
C LYS B 198 -3.72 3.45 -16.87
N LEU B 199 -3.83 4.60 -16.22
CA LEU B 199 -4.22 5.83 -16.92
C LEU B 199 -3.35 6.17 -18.11
N ALA B 200 -2.03 6.02 -17.95
CA ALA B 200 -1.14 6.35 -19.07
C ALA B 200 -1.46 5.52 -20.30
N GLN B 201 -1.74 4.23 -20.10
CA GLN B 201 -2.03 3.36 -21.25
C GLN B 201 -3.39 3.67 -21.89
N ILE B 202 -4.32 4.09 -21.05
CA ILE B 202 -5.68 4.44 -21.47
C ILE B 202 -5.64 5.73 -22.29
N VAL B 203 -4.84 6.67 -21.85
CA VAL B 203 -4.75 7.93 -22.54
C VAL B 203 -3.86 7.97 -23.78
N ALA B 204 -2.88 7.07 -23.89
CA ALA B 204 -2.00 7.07 -25.07
C ALA B 204 -2.72 7.10 -26.44
N PRO B 205 -3.73 6.26 -26.62
CA PRO B 205 -4.35 6.33 -27.94
C PRO B 205 -5.37 7.43 -28.16
N LEU B 206 -5.64 8.23 -27.14
CA LEU B 206 -6.66 9.27 -27.23
C LEU B 206 -6.14 10.64 -27.61
N ASP B 207 -7.04 11.43 -28.20
CA ASP B 207 -6.76 12.83 -28.50
C ASP B 207 -7.05 13.58 -27.20
N TYR B 208 -8.10 13.12 -26.52
CA TYR B 208 -8.52 13.72 -25.25
C TYR B 208 -9.20 12.74 -24.32
N ILE B 209 -9.06 12.99 -23.02
CA ILE B 209 -9.81 12.26 -22.04
C ILE B 209 -10.62 13.39 -21.39
N ASN B 210 -11.95 13.30 -21.49
CA ASN B 210 -12.82 14.35 -21.00
C ASN B 210 -13.32 14.00 -19.63
N LEU B 211 -12.79 14.68 -18.61
CA LEU B 211 -13.15 14.38 -17.22
C LEU B 211 -14.53 14.83 -16.80
N MET B 212 -15.30 13.92 -16.21
CA MET B 212 -16.63 14.31 -15.78
C MET B 212 -16.51 14.92 -14.37
N THR B 213 -15.86 16.08 -14.34
CA THR B 213 -15.62 16.78 -13.11
C THR B 213 -16.85 17.54 -12.61
N TYR B 214 -17.92 16.78 -12.35
CA TYR B 214 -19.17 17.31 -11.80
C TYR B 214 -19.91 16.13 -11.17
N ASP B 215 -21.11 16.34 -10.65
CA ASP B 215 -21.79 15.27 -9.92
C ASP B 215 -20.88 14.84 -8.74
N LEU B 216 -20.10 15.78 -8.21
CA LEU B 216 -19.23 15.49 -7.07
C LEU B 216 -20.00 15.69 -5.78
N ALA B 217 -21.27 16.04 -5.91
CA ALA B 217 -22.16 16.20 -4.75
C ALA B 217 -23.52 15.80 -5.30
N GLY B 218 -24.41 15.33 -4.44
CA GLY B 218 -25.72 14.92 -4.92
C GLY B 218 -26.54 14.41 -3.75
N PRO B 219 -27.83 14.10 -3.96
CA PRO B 219 -28.71 13.61 -2.90
C PRO B 219 -28.21 12.31 -2.27
N TRP B 220 -27.39 11.57 -3.03
CA TRP B 220 -26.85 10.32 -2.53
C TRP B 220 -25.85 10.57 -1.41
N GLU B 221 -25.53 11.84 -1.15
CA GLU B 221 -24.61 12.23 -0.06
C GLU B 221 -25.41 12.91 1.08
N LYS B 222 -25.02 12.62 2.32
CA LYS B 222 -25.71 13.16 3.51
C LYS B 222 -25.52 14.65 3.78
N VAL B 223 -24.46 15.22 3.22
CA VAL B 223 -24.17 16.63 3.42
C VAL B 223 -24.28 17.35 2.08
N THR B 224 -24.99 18.48 2.03
CA THR B 224 -25.11 19.24 0.78
C THR B 224 -23.74 19.85 0.47
N ASN B 225 -23.43 20.00 -0.82
CA ASN B 225 -22.13 20.54 -1.17
C ASN B 225 -22.17 20.96 -2.64
N HIS B 226 -21.15 21.68 -3.07
CA HIS B 226 -21.03 22.12 -4.46
C HIS B 226 -20.71 20.84 -5.27
N GLN B 227 -21.34 20.68 -6.44
CA GLN B 227 -21.13 19.48 -7.25
C GLN B 227 -19.92 19.60 -8.16
N ALA B 228 -19.37 20.81 -8.26
CA ALA B 228 -18.21 21.02 -9.10
C ALA B 228 -17.31 22.11 -8.58
N ALA B 229 -17.00 22.10 -7.28
CA ALA B 229 -16.07 23.11 -6.74
C ALA B 229 -14.74 23.00 -7.47
N LEU B 230 -14.17 24.14 -7.85
CA LEU B 230 -12.88 24.11 -8.50
C LEU B 230 -11.84 23.77 -7.43
N PHE B 231 -11.86 24.52 -6.31
CA PHE B 231 -10.95 24.29 -5.18
C PHE B 231 -11.75 23.91 -3.95
N GLY B 232 -11.08 23.44 -2.91
CA GLY B 232 -11.77 23.01 -1.73
C GLY B 232 -12.03 24.10 -0.71
N ASP B 233 -13.07 23.89 0.07
CA ASP B 233 -13.50 24.77 1.16
C ASP B 233 -13.32 23.90 2.42
N ALA B 234 -12.38 24.29 3.27
CA ALA B 234 -12.12 23.54 4.49
C ALA B 234 -13.39 23.37 5.35
N ALA B 235 -14.39 24.22 5.10
CA ALA B 235 -15.64 24.13 5.85
C ALA B 235 -16.58 23.05 5.31
N GLY B 236 -16.36 22.61 4.08
CA GLY B 236 -17.24 21.60 3.52
C GLY B 236 -16.84 20.17 3.85
N PRO B 237 -17.64 19.18 3.43
CA PRO B 237 -17.32 17.79 3.72
C PRO B 237 -16.04 17.32 3.01
N THR B 238 -15.39 16.32 3.58
CA THR B 238 -14.20 15.76 2.95
C THR B 238 -14.48 14.28 2.73
N PHE B 239 -13.66 13.64 1.91
CA PHE B 239 -13.88 12.24 1.56
C PHE B 239 -12.67 11.36 1.63
N TYR B 240 -12.93 10.05 1.69
CA TYR B 240 -11.90 9.05 1.72
C TYR B 240 -11.27 9.07 0.33
N ASN B 241 -9.94 9.10 0.23
CA ASN B 241 -9.30 9.14 -1.08
C ASN B 241 -9.17 7.68 -1.57
N ALA B 242 -10.08 7.25 -2.42
CA ALA B 242 -10.09 5.88 -2.91
C ALA B 242 -8.87 5.47 -3.75
N LEU B 243 -8.14 6.44 -4.31
CA LEU B 243 -7.01 6.05 -5.14
C LEU B 243 -5.96 5.29 -4.29
N ARG B 244 -6.05 5.46 -2.97
CA ARG B 244 -5.15 4.78 -2.02
C ARG B 244 -5.33 3.28 -2.07
N GLU B 245 -6.45 2.85 -2.65
CA GLU B 245 -6.79 1.44 -2.77
C GLU B 245 -6.60 0.84 -4.14
N ALA B 246 -6.13 1.63 -5.10
CA ALA B 246 -5.89 1.14 -6.46
C ALA B 246 -4.65 0.21 -6.45
N ASN B 247 -4.56 -0.73 -7.38
CA ASN B 247 -3.43 -1.66 -7.44
C ASN B 247 -2.23 -0.99 -8.11
N LEU B 248 -1.53 -0.21 -7.30
CA LEU B 248 -0.39 0.56 -7.77
C LEU B 248 0.96 -0.01 -7.45
N GLY B 249 1.05 -0.73 -6.31
CA GLY B 249 2.33 -1.31 -5.90
C GLY B 249 3.24 -0.26 -5.28
N TRP B 250 2.63 0.75 -4.65
CA TRP B 250 3.37 1.81 -3.97
C TRP B 250 3.44 1.52 -2.49
N SER B 251 4.44 2.06 -1.80
CA SER B 251 4.57 1.82 -0.37
C SER B 251 3.58 2.68 0.40
N TRP B 252 3.45 2.43 1.70
CA TRP B 252 2.51 3.20 2.49
C TRP B 252 2.84 4.69 2.38
N GLU B 253 4.13 5.04 2.46
CA GLU B 253 4.54 6.44 2.39
C GLU B 253 4.18 7.05 1.05
N GLU B 254 4.41 6.29 -0.02
CA GLU B 254 4.10 6.78 -1.36
C GLU B 254 2.61 6.98 -1.51
N LEU B 255 1.82 6.05 -1.03
CA LEU B 255 0.36 6.19 -1.14
C LEU B 255 -0.14 7.40 -0.35
N THR B 256 0.38 7.58 0.85
CA THR B 256 -0.03 8.67 1.72
C THR B 256 0.36 10.04 1.11
N ARG B 257 1.56 10.12 0.55
CA ARG B 257 2.03 11.36 -0.08
C ARG B 257 1.23 11.71 -1.33
N ALA B 258 0.91 10.69 -2.12
CA ALA B 258 0.15 10.91 -3.36
C ALA B 258 -1.34 11.17 -3.12
N PHE B 259 -1.91 10.51 -2.11
CA PHE B 259 -3.34 10.60 -1.85
C PHE B 259 -3.73 11.07 -0.47
N PRO B 260 -3.59 12.38 -0.21
CA PRO B 260 -3.97 12.93 1.10
C PRO B 260 -5.40 12.46 1.37
N SER B 261 -5.72 12.12 2.61
CA SER B 261 -7.07 11.64 2.93
C SER B 261 -7.42 11.90 4.40
N PRO B 262 -8.64 12.39 4.69
CA PRO B 262 -9.69 12.72 3.72
C PRO B 262 -9.31 13.95 2.90
N PHE B 263 -9.97 14.14 1.75
CA PHE B 263 -9.62 15.28 0.92
C PHE B 263 -10.89 15.91 0.34
N SER B 264 -10.73 17.07 -0.28
CA SER B 264 -11.87 17.78 -0.87
C SER B 264 -12.04 17.31 -2.30
N LEU B 265 -13.21 16.75 -2.58
CA LEU B 265 -13.56 16.24 -3.89
C LEU B 265 -13.86 17.47 -4.76
N THR B 266 -12.88 17.92 -5.52
CA THR B 266 -13.01 19.11 -6.36
C THR B 266 -12.53 18.84 -7.79
N VAL B 267 -12.73 19.82 -8.67
CA VAL B 267 -12.28 19.69 -10.05
C VAL B 267 -10.75 19.68 -10.05
N ASP B 268 -10.15 20.56 -9.26
CA ASP B 268 -8.69 20.60 -9.18
C ASP B 268 -8.14 19.24 -8.70
N ALA B 269 -8.82 18.58 -7.78
CA ALA B 269 -8.33 17.26 -7.28
C ALA B 269 -8.28 16.24 -8.42
N ALA B 270 -9.35 16.18 -9.21
CA ALA B 270 -9.38 15.22 -10.33
C ALA B 270 -8.30 15.52 -11.36
N VAL B 271 -8.09 16.80 -11.69
CA VAL B 271 -7.10 17.14 -12.68
C VAL B 271 -5.72 16.81 -12.12
N GLN B 272 -5.48 17.23 -10.89
CA GLN B 272 -4.13 16.95 -10.32
C GLN B 272 -3.86 15.45 -10.18
N GLN B 273 -4.89 14.69 -9.85
CA GLN B 273 -4.75 13.24 -9.72
C GLN B 273 -4.34 12.63 -11.07
N HIS B 274 -4.88 13.13 -12.18
CA HIS B 274 -4.47 12.60 -13.47
C HIS B 274 -3.02 13.01 -13.78
N LEU B 275 -2.68 14.26 -13.46
CA LEU B 275 -1.33 14.75 -13.70
C LEU B 275 -0.25 14.05 -12.87
N MET B 276 -0.64 13.48 -11.74
CA MET B 276 0.27 12.73 -10.85
C MET B 276 0.82 11.45 -11.50
N MET B 277 0.11 10.92 -12.49
CA MET B 277 0.54 9.70 -13.14
C MET B 277 1.50 9.96 -14.30
N GLU B 278 2.62 9.27 -14.27
CA GLU B 278 3.61 9.45 -15.32
C GLU B 278 3.03 9.14 -16.70
N GLY B 279 3.36 9.95 -17.67
CA GLY B 279 2.88 9.68 -19.01
C GLY B 279 1.50 10.17 -19.37
N VAL B 280 0.86 10.96 -18.51
CA VAL B 280 -0.45 11.52 -18.83
C VAL B 280 -0.18 13.01 -19.11
N PRO B 281 -0.23 13.45 -20.39
CA PRO B 281 0.06 14.86 -20.69
C PRO B 281 -1.10 15.77 -20.38
N SER B 282 -0.80 16.96 -19.85
CA SER B 282 -1.86 17.89 -19.50
C SER B 282 -2.70 18.25 -20.74
N ALA B 283 -2.04 18.36 -21.89
CA ALA B 283 -2.73 18.72 -23.14
C ALA B 283 -3.87 17.80 -23.55
N LYS B 284 -3.88 16.57 -23.06
CA LYS B 284 -4.96 15.66 -23.43
C LYS B 284 -6.08 15.70 -22.39
N ILE B 285 -5.83 16.36 -21.27
CA ILE B 285 -6.85 16.41 -20.21
C ILE B 285 -7.87 17.49 -20.46
N VAL B 286 -9.16 17.09 -20.50
CA VAL B 286 -10.21 18.06 -20.74
C VAL B 286 -11.11 18.16 -19.51
N MET B 287 -11.32 19.39 -19.04
CA MET B 287 -12.15 19.59 -17.85
C MET B 287 -13.63 19.64 -18.19
N GLY B 288 -14.42 18.72 -17.64
CA GLY B 288 -15.85 18.78 -17.87
C GLY B 288 -16.52 19.77 -16.92
N VAL B 289 -17.57 20.41 -17.39
CA VAL B 289 -18.34 21.31 -16.54
C VAL B 289 -19.82 21.00 -16.79
N PRO B 290 -20.66 21.24 -15.80
CA PRO B 290 -22.10 20.99 -15.92
C PRO B 290 -22.89 22.24 -16.33
N PHE B 291 -23.85 22.05 -17.25
CA PHE B 291 -24.74 23.14 -17.67
C PHE B 291 -26.06 22.94 -16.90
N TYR B 292 -26.00 22.19 -15.80
CA TYR B 292 -27.14 21.94 -14.95
C TYR B 292 -26.74 22.02 -13.49
N GLY B 293 -27.74 22.22 -12.65
CA GLY B 293 -27.52 22.28 -11.22
C GLY B 293 -28.22 21.14 -10.50
N ARG B 294 -27.83 20.91 -9.25
CA ARG B 294 -28.47 19.87 -8.47
C ARG B 294 -29.07 20.58 -7.26
N ALA B 295 -30.32 20.22 -6.95
CA ALA B 295 -31.05 20.86 -5.84
C ALA B 295 -31.31 19.91 -4.69
N PHE B 296 -31.34 20.49 -3.48
CA PHE B 296 -31.57 19.74 -2.24
C PHE B 296 -32.65 20.47 -1.43
N LYS B 297 -33.49 19.71 -0.75
CA LYS B 297 -34.54 20.31 0.10
C LYS B 297 -34.26 19.96 1.56
N GLY B 298 -34.95 20.63 2.49
CA GLY B 298 -34.76 20.34 3.89
C GLY B 298 -33.43 20.79 4.45
N VAL B 299 -32.84 21.83 3.88
CA VAL B 299 -31.54 22.31 4.36
C VAL B 299 -31.74 23.34 5.47
N SER B 300 -30.70 23.52 6.29
CA SER B 300 -30.72 24.46 7.42
C SER B 300 -30.18 25.84 7.04
N GLY B 301 -30.49 26.83 7.86
CA GLY B 301 -30.02 28.17 7.60
C GLY B 301 -28.64 28.35 8.20
N GLY B 302 -28.08 29.55 8.04
CA GLY B 302 -26.77 29.81 8.59
C GLY B 302 -25.66 29.98 7.57
N ASN B 303 -25.48 28.96 6.72
CA ASN B 303 -24.44 29.03 5.70
C ASN B 303 -25.02 28.91 4.29
N GLY B 304 -26.15 29.58 4.08
CA GLY B 304 -26.81 29.59 2.77
C GLY B 304 -27.17 28.24 2.21
N GLY B 305 -27.45 27.27 3.09
CA GLY B 305 -27.81 25.93 2.64
C GLY B 305 -26.61 25.03 2.39
N GLN B 306 -25.40 25.59 2.45
CA GLN B 306 -24.15 24.85 2.23
C GLN B 306 -23.79 23.92 3.37
N TYR B 307 -23.34 22.71 3.04
CA TYR B 307 -22.89 21.73 4.02
C TYR B 307 -23.89 21.47 5.12
N SER B 308 -25.15 21.31 4.72
CA SER B 308 -26.21 21.07 5.68
C SER B 308 -26.83 19.71 5.46
N SER B 309 -27.43 19.18 6.50
CA SER B 309 -28.13 17.92 6.39
C SER B 309 -29.30 18.31 5.49
N HIS B 310 -29.92 17.32 4.86
CA HIS B 310 -31.04 17.59 3.96
C HIS B 310 -31.99 16.41 3.98
N SER B 311 -33.13 16.56 3.32
CA SER B 311 -34.13 15.50 3.24
C SER B 311 -34.49 15.20 1.78
N THR B 312 -33.45 15.14 0.94
CA THR B 312 -33.63 14.87 -0.48
C THR B 312 -33.54 13.39 -0.87
N PRO B 313 -34.59 12.87 -1.55
CA PRO B 313 -34.62 11.47 -1.99
C PRO B 313 -33.40 11.20 -2.88
N GLY B 314 -32.83 10.01 -2.78
CA GLY B 314 -31.65 9.69 -3.58
C GLY B 314 -31.91 8.64 -4.65
N GLU B 315 -33.03 7.95 -4.54
CA GLU B 315 -33.37 6.91 -5.50
C GLU B 315 -33.61 7.48 -6.87
N ASP B 316 -33.38 6.64 -7.88
CA ASP B 316 -33.65 7.01 -9.25
C ASP B 316 -34.48 5.86 -9.80
N PRO B 317 -35.61 6.18 -10.45
CA PRO B 317 -36.09 7.54 -10.66
C PRO B 317 -36.61 8.24 -9.41
N TYR B 318 -36.94 9.53 -9.57
CA TYR B 318 -37.49 10.30 -8.45
C TYR B 318 -38.70 9.48 -8.07
N PRO B 319 -38.73 8.96 -6.83
CA PRO B 319 -39.79 8.13 -6.25
C PRO B 319 -41.08 8.82 -5.81
N SER B 320 -41.08 10.14 -5.79
CA SER B 320 -42.23 10.92 -5.35
C SER B 320 -42.86 11.76 -6.47
N THR B 321 -44.02 12.33 -6.19
CA THR B 321 -44.72 13.16 -7.16
C THR B 321 -44.63 14.63 -6.75
N ASP B 322 -44.02 14.86 -5.59
CA ASP B 322 -43.81 16.19 -5.03
C ASP B 322 -42.66 16.94 -5.75
N TYR B 323 -42.99 18.01 -6.45
CA TYR B 323 -42.01 18.81 -7.17
C TYR B 323 -41.79 20.10 -6.40
N TRP B 324 -40.86 20.03 -5.45
CA TRP B 324 -40.55 21.11 -4.55
C TRP B 324 -39.54 22.17 -4.96
N LEU B 325 -39.01 22.10 -6.18
CA LEU B 325 -38.07 23.14 -6.59
C LEU B 325 -38.89 24.28 -7.17
N VAL B 326 -39.11 25.30 -6.35
CA VAL B 326 -39.91 26.46 -6.72
C VAL B 326 -39.53 27.14 -8.02
N GLY B 327 -40.54 27.29 -8.88
CA GLY B 327 -40.32 27.95 -10.15
C GLY B 327 -39.71 27.08 -11.24
N CYS B 328 -39.42 25.82 -10.91
CA CYS B 328 -38.82 24.90 -11.89
C CYS B 328 -39.87 24.04 -12.60
N GLU B 329 -40.47 24.58 -13.66
CA GLU B 329 -41.48 23.85 -14.40
C GLU B 329 -40.86 22.73 -15.23
N GLU B 330 -39.59 22.90 -15.58
CA GLU B 330 -38.83 21.91 -16.33
C GLU B 330 -38.82 20.63 -15.49
N CYS B 331 -38.61 20.82 -14.18
CA CYS B 331 -38.58 19.73 -13.22
C CYS B 331 -39.89 18.94 -13.20
N VAL B 332 -40.98 19.65 -13.50
CA VAL B 332 -42.30 19.04 -13.55
C VAL B 332 -42.38 18.21 -14.84
N ARG B 333 -41.96 18.79 -15.96
CA ARG B 333 -41.97 18.13 -17.27
C ARG B 333 -41.13 16.86 -17.20
N ASP B 334 -39.97 16.97 -16.57
CA ASP B 334 -39.05 15.84 -16.46
C ASP B 334 -39.24 14.97 -15.22
N LYS B 335 -40.13 15.40 -14.33
CA LYS B 335 -40.44 14.65 -13.12
C LYS B 335 -39.33 14.42 -12.09
N ASP B 336 -38.52 15.44 -11.85
CA ASP B 336 -37.46 15.32 -10.88
C ASP B 336 -37.07 16.72 -10.47
N PRO B 337 -37.29 17.09 -9.19
CA PRO B 337 -36.96 18.42 -8.68
C PRO B 337 -35.51 18.54 -8.23
N ARG B 338 -34.74 17.48 -8.43
CA ARG B 338 -33.35 17.47 -7.98
C ARG B 338 -32.31 17.93 -9.00
N ILE B 339 -32.74 18.07 -10.24
CA ILE B 339 -31.87 18.51 -11.31
C ILE B 339 -32.55 19.58 -12.15
N ALA B 340 -31.80 20.62 -12.52
CA ALA B 340 -32.35 21.70 -13.32
C ALA B 340 -31.29 22.29 -14.25
N SER B 341 -31.68 22.58 -15.49
CA SER B 341 -30.76 23.15 -16.47
C SER B 341 -30.44 24.56 -16.05
N TYR B 342 -29.28 25.04 -16.51
CA TYR B 342 -28.87 26.41 -16.22
C TYR B 342 -29.95 27.32 -16.80
N ARG B 343 -30.45 26.95 -17.97
CA ARG B 343 -31.51 27.75 -18.61
C ARG B 343 -32.66 27.99 -17.61
N GLN B 344 -33.13 26.90 -17.01
CA GLN B 344 -34.24 26.97 -16.06
C GLN B 344 -33.85 27.70 -14.77
N LEU B 345 -32.64 27.47 -14.28
CA LEU B 345 -32.20 28.14 -13.06
C LEU B 345 -32.08 29.65 -13.27
N GLU B 346 -31.67 30.07 -14.46
CA GLU B 346 -31.52 31.49 -14.74
C GLU B 346 -32.91 32.13 -14.76
N GLN B 347 -33.89 31.37 -15.23
CA GLN B 347 -35.26 31.88 -15.29
C GLN B 347 -35.82 32.01 -13.90
N MET B 348 -35.47 31.05 -13.04
CA MET B 348 -35.93 31.09 -11.66
C MET B 348 -35.32 32.31 -10.96
N LEU B 349 -34.17 32.76 -11.45
CA LEU B 349 -33.53 33.95 -10.88
C LEU B 349 -34.18 35.24 -11.39
N GLN B 350 -34.77 35.19 -12.58
CA GLN B 350 -35.44 36.39 -13.13
C GLN B 350 -36.94 36.34 -12.76
N GLY B 351 -37.35 35.25 -12.13
CA GLY B 351 -38.76 35.08 -11.79
C GLY B 351 -39.20 35.50 -10.42
N ASN B 352 -38.32 36.20 -9.69
CA ASN B 352 -38.66 36.68 -8.35
C ASN B 352 -39.40 35.60 -7.56
N TYR B 353 -38.74 34.46 -7.35
CA TYR B 353 -39.31 33.33 -6.62
C TYR B 353 -38.74 33.18 -5.20
N GLY B 354 -37.85 34.08 -4.80
CA GLY B 354 -37.30 34.00 -3.45
C GLY B 354 -35.96 33.31 -3.28
N TYR B 355 -35.19 33.20 -4.37
CA TYR B 355 -33.88 32.60 -4.34
C TYR B 355 -32.84 33.69 -4.22
N GLN B 356 -31.79 33.42 -3.46
CA GLN B 356 -30.69 34.34 -3.33
C GLN B 356 -29.56 33.66 -4.07
N ARG B 357 -28.87 34.39 -4.93
CA ARG B 357 -27.73 33.81 -5.62
C ARG B 357 -26.50 34.21 -4.80
N LEU B 358 -25.85 33.20 -4.24
CA LEU B 358 -24.68 33.41 -3.41
C LEU B 358 -23.45 32.85 -4.13
N TRP B 359 -22.28 33.19 -3.60
CA TRP B 359 -21.02 32.80 -4.20
C TRP B 359 -20.04 32.33 -3.14
N ASN B 360 -19.37 31.22 -3.40
CA ASN B 360 -18.36 30.74 -2.45
C ASN B 360 -17.03 31.11 -3.09
N ASP B 361 -16.29 32.01 -2.46
CA ASP B 361 -15.04 32.46 -3.04
C ASP B 361 -13.86 31.54 -2.85
N LYS B 362 -14.10 30.38 -2.22
CA LYS B 362 -13.04 29.38 -2.05
C LYS B 362 -13.21 28.38 -3.20
N THR B 363 -14.42 27.86 -3.35
CA THR B 363 -14.69 26.90 -4.42
C THR B 363 -14.83 27.55 -5.80
N LYS B 364 -15.03 28.88 -5.81
CA LYS B 364 -15.25 29.66 -7.03
C LYS B 364 -16.49 29.19 -7.77
N THR B 365 -17.56 28.96 -7.03
CA THR B 365 -18.80 28.52 -7.63
C THR B 365 -20.00 29.19 -6.99
N PRO B 366 -21.07 29.39 -7.78
CA PRO B 366 -22.28 30.02 -7.25
C PRO B 366 -23.21 28.96 -6.66
N TYR B 367 -24.19 29.40 -5.88
CA TYR B 367 -25.18 28.48 -5.36
C TYR B 367 -26.42 29.30 -5.06
N LEU B 368 -27.58 28.63 -5.06
CA LEU B 368 -28.84 29.29 -4.76
C LEU B 368 -29.28 28.84 -3.38
N TYR B 369 -29.94 29.76 -2.67
CA TYR B 369 -30.46 29.44 -1.36
C TYR B 369 -31.82 30.09 -1.30
N HIS B 370 -32.80 29.27 -0.92
CA HIS B 370 -34.17 29.71 -0.80
C HIS B 370 -34.38 29.61 0.70
N ALA B 371 -34.21 30.74 1.39
CA ALA B 371 -34.36 30.81 2.84
C ALA B 371 -35.74 30.38 3.32
N GLN B 372 -36.75 30.85 2.60
CA GLN B 372 -38.12 30.55 2.95
C GLN B 372 -38.43 29.05 2.93
N ASN B 373 -38.10 28.39 1.82
CA ASN B 373 -38.38 26.96 1.68
C ASN B 373 -37.28 25.97 2.08
N GLY B 374 -36.09 26.47 2.41
CA GLY B 374 -35.01 25.58 2.81
C GLY B 374 -34.44 24.78 1.65
N LEU B 375 -34.10 25.48 0.58
CA LEU B 375 -33.55 24.82 -0.61
C LEU B 375 -32.14 25.30 -0.89
N PHE B 376 -31.34 24.39 -1.44
CA PHE B 376 -29.97 24.70 -1.82
C PHE B 376 -29.76 24.15 -3.21
N VAL B 377 -29.16 24.96 -4.10
CA VAL B 377 -28.87 24.51 -5.47
C VAL B 377 -27.42 24.78 -5.80
N THR B 378 -26.71 23.74 -6.18
CA THR B 378 -25.35 23.93 -6.60
C THR B 378 -25.34 23.84 -8.14
N TYR B 379 -24.71 24.82 -8.78
CA TYR B 379 -24.63 24.90 -10.23
C TYR B 379 -23.40 25.72 -10.62
N ASP B 380 -23.20 25.84 -11.93
CA ASP B 380 -22.10 26.60 -12.50
C ASP B 380 -22.68 27.67 -13.40
N ASP B 381 -21.94 28.76 -13.62
CA ASP B 381 -22.46 29.82 -14.49
C ASP B 381 -21.28 30.51 -15.16
N ALA B 382 -21.53 31.60 -15.90
CA ALA B 382 -20.43 32.32 -16.58
C ALA B 382 -19.33 32.81 -15.64
N GLU B 383 -19.67 33.07 -14.39
CA GLU B 383 -18.65 33.55 -13.45
C GLU B 383 -17.76 32.38 -13.01
N SER B 384 -18.35 31.27 -12.62
CA SER B 384 -17.51 30.14 -12.21
C SER B 384 -16.69 29.69 -13.42
N PHE B 385 -17.20 29.84 -14.64
CA PHE B 385 -16.40 29.43 -15.80
C PHE B 385 -15.18 30.31 -16.01
N LYS B 386 -15.17 31.52 -15.44
CA LYS B 386 -13.97 32.34 -15.61
C LYS B 386 -12.80 31.68 -14.86
N TYR B 387 -13.03 31.24 -13.63
CA TYR B 387 -11.95 30.60 -12.86
C TYR B 387 -11.56 29.28 -13.49
N LYS B 388 -12.55 28.52 -13.94
CA LYS B 388 -12.23 27.24 -14.56
C LYS B 388 -11.49 27.40 -15.88
N ALA B 389 -11.86 28.39 -16.69
CA ALA B 389 -11.16 28.60 -17.95
C ALA B 389 -9.73 29.07 -17.63
N LYS B 390 -9.55 29.91 -16.61
CA LYS B 390 -8.18 30.37 -16.28
C LYS B 390 -7.32 29.17 -15.83
N TYR B 391 -7.92 28.28 -15.06
CA TYR B 391 -7.27 27.05 -14.57
C TYR B 391 -6.85 26.19 -15.78
N ILE B 392 -7.77 26.04 -16.74
CA ILE B 392 -7.46 25.29 -17.96
C ILE B 392 -6.24 25.87 -18.66
N LYS B 393 -6.13 27.20 -18.70
CA LYS B 393 -5.00 27.82 -19.35
C LYS B 393 -3.71 27.67 -18.55
N GLN B 394 -3.77 27.97 -17.26
CA GLN B 394 -2.62 27.87 -16.36
C GLN B 394 -2.03 26.47 -16.27
N GLN B 395 -2.92 25.49 -16.19
CA GLN B 395 -2.53 24.09 -16.09
C GLN B 395 -2.25 23.46 -17.43
N GLN B 396 -2.37 24.25 -18.51
CA GLN B 396 -2.12 23.77 -19.86
C GLN B 396 -2.96 22.53 -20.20
N LEU B 397 -4.24 22.59 -19.87
CA LEU B 397 -5.14 21.48 -20.17
C LEU B 397 -5.59 21.61 -21.62
N GLY B 398 -6.18 20.56 -22.15
CA GLY B 398 -6.57 20.60 -23.55
C GLY B 398 -7.80 21.42 -23.85
N GLY B 399 -8.63 21.64 -22.84
CA GLY B 399 -9.84 22.41 -23.08
C GLY B 399 -10.94 22.08 -22.08
N VAL B 400 -12.19 22.27 -22.53
CA VAL B 400 -13.36 22.10 -21.69
C VAL B 400 -14.40 21.22 -22.37
N MET B 401 -15.14 20.44 -21.58
CA MET B 401 -16.20 19.60 -22.13
C MET B 401 -17.41 19.93 -21.31
N PHE B 402 -18.62 19.85 -21.88
CA PHE B 402 -19.77 20.10 -21.02
C PHE B 402 -20.97 19.27 -21.37
N TRP B 403 -21.79 19.05 -20.35
CA TRP B 403 -23.03 18.31 -20.49
C TRP B 403 -24.14 19.23 -20.00
N HIS B 404 -25.11 19.58 -20.84
CA HIS B 404 -25.10 19.30 -22.28
C HIS B 404 -25.67 20.54 -22.97
N LEU B 405 -25.52 20.62 -24.30
CA LEU B 405 -25.98 21.78 -25.09
C LEU B 405 -27.42 22.24 -24.85
N GLY B 406 -28.34 21.29 -24.67
CA GLY B 406 -29.74 21.67 -24.46
C GLY B 406 -30.01 22.42 -23.17
N GLN B 407 -29.05 22.44 -22.24
CA GLN B 407 -29.29 23.11 -20.96
C GLN B 407 -28.77 24.53 -20.88
N ASP B 408 -28.07 25.00 -21.92
CA ASP B 408 -27.57 26.40 -21.94
C ASP B 408 -28.87 27.23 -22.12
N ASN B 409 -28.84 28.53 -21.83
CA ASN B 409 -30.06 29.33 -22.01
C ASN B 409 -30.28 29.51 -23.53
N ARG B 410 -31.42 30.05 -23.94
CA ARG B 410 -31.69 30.20 -25.39
C ARG B 410 -30.63 30.96 -26.16
N ASN B 411 -29.97 31.93 -25.54
CA ASN B 411 -28.94 32.69 -26.22
C ASN B 411 -27.57 32.01 -26.29
N GLY B 412 -27.44 30.86 -25.62
CA GLY B 412 -26.17 30.15 -25.63
C GLY B 412 -25.10 30.88 -24.82
N ASP B 413 -25.51 31.54 -23.74
CA ASP B 413 -24.53 32.30 -22.97
C ASP B 413 -23.42 31.52 -22.30
N LEU B 414 -23.69 30.29 -21.83
CA LEU B 414 -22.61 29.54 -21.17
C LEU B 414 -21.56 29.15 -22.21
N LEU B 415 -22.00 28.66 -23.36
CA LEU B 415 -21.05 28.32 -24.44
C LEU B 415 -20.29 29.56 -24.92
N ALA B 416 -21.02 30.69 -25.02
CA ALA B 416 -20.40 31.93 -25.47
C ALA B 416 -19.31 32.36 -24.47
N ALA B 417 -19.58 32.20 -23.19
CA ALA B 417 -18.61 32.59 -22.16
C ALA B 417 -17.34 31.77 -22.26
N LEU B 418 -17.48 30.46 -22.38
CA LEU B 418 -16.28 29.63 -22.51
C LEU B 418 -15.45 30.01 -23.70
N ASP B 419 -16.10 30.19 -24.85
CA ASP B 419 -15.37 30.56 -26.05
C ASP B 419 -14.67 31.89 -25.84
N ARG B 420 -15.38 32.83 -25.20
CA ARG B 420 -14.81 34.16 -24.94
C ARG B 420 -13.55 34.09 -24.04
N TYR B 421 -13.65 33.31 -22.98
CA TYR B 421 -12.53 33.19 -22.03
C TYR B 421 -11.30 32.60 -22.63
N PHE B 422 -11.46 31.77 -23.67
CA PHE B 422 -10.30 31.21 -24.30
C PHE B 422 -9.79 32.01 -25.48
N ASN B 423 -10.70 32.64 -26.22
CA ASN B 423 -10.33 33.27 -27.47
C ASN B 423 -10.54 34.75 -27.74
N ALA B 424 -11.47 35.37 -27.02
CA ALA B 424 -11.78 36.77 -27.28
C ALA B 424 -10.64 37.73 -26.94
N ALA B 425 -10.30 38.59 -27.89
CA ALA B 425 -9.24 39.55 -27.68
C ALA B 425 -9.63 40.56 -26.62
N ASP B 426 -10.93 40.76 -26.44
CA ASP B 426 -11.38 41.75 -25.46
C ASP B 426 -11.70 41.24 -24.08
N TYR B 427 -11.24 40.03 -23.78
CA TYR B 427 -11.42 39.45 -22.45
C TYR B 427 -10.00 39.33 -21.92
N ASP B 428 -9.80 39.81 -20.69
CA ASP B 428 -8.50 39.81 -20.04
C ASP B 428 -8.60 39.29 -18.61
N ASP B 429 -8.18 38.04 -18.39
CA ASP B 429 -8.22 37.47 -17.05
C ASP B 429 -6.86 37.49 -16.33
N SER B 430 -5.91 38.27 -16.84
CA SER B 430 -4.58 38.33 -16.21
C SER B 430 -4.62 38.70 -14.73
N GLN B 431 -5.65 39.41 -14.31
CA GLN B 431 -5.72 39.83 -12.92
C GLN B 431 -6.77 39.09 -12.09
N LEU B 432 -7.37 38.05 -12.68
CA LEU B 432 -8.38 37.27 -12.00
C LEU B 432 -7.71 36.46 -10.87
N ASP B 433 -8.14 36.72 -9.64
CA ASP B 433 -7.59 36.10 -8.43
C ASP B 433 -8.23 34.73 -8.20
N MET B 434 -7.40 33.69 -8.26
CA MET B 434 -7.86 32.32 -8.12
C MET B 434 -8.25 31.89 -6.70
N GLY B 435 -8.05 32.79 -5.73
CA GLY B 435 -8.47 32.51 -4.37
C GLY B 435 -7.55 31.65 -3.52
N THR B 436 -7.97 31.43 -2.29
CA THR B 436 -7.16 30.63 -1.37
C THR B 436 -7.81 29.30 -1.03
N GLY B 437 -8.74 28.85 -1.87
CA GLY B 437 -9.37 27.56 -1.64
C GLY B 437 -8.29 26.48 -1.63
N LEU B 438 -8.62 25.31 -1.07
CA LEU B 438 -7.63 24.23 -0.96
C LEU B 438 -7.25 23.58 -2.30
N ARG B 439 -5.95 23.55 -2.56
CA ARG B 439 -5.40 22.91 -3.75
C ARG B 439 -5.04 21.48 -3.38
N TYR B 440 -5.09 20.58 -4.36
CA TYR B 440 -4.73 19.18 -4.15
C TYR B 440 -3.21 19.14 -4.21
N THR B 441 -2.56 18.66 -3.15
CA THR B 441 -1.12 18.64 -3.11
C THR B 441 -0.41 17.29 -3.14
N GLY B 442 -1.12 16.24 -3.56
CA GLY B 442 -0.46 14.94 -3.63
C GLY B 442 0.72 14.89 -4.59
N VAL B 443 1.75 14.13 -4.23
CA VAL B 443 2.92 13.94 -5.08
C VAL B 443 3.05 12.44 -5.37
N GLY B 444 3.10 12.05 -6.64
CA GLY B 444 3.25 10.64 -6.97
C GLY B 444 4.64 10.31 -7.47
N PRO B 445 5.11 9.04 -7.28
CA PRO B 445 6.44 8.61 -7.73
C PRO B 445 6.57 8.88 -9.24
N GLY B 446 5.45 9.27 -9.85
CA GLY B 446 5.44 9.59 -11.26
C GLY B 446 5.29 11.08 -11.55
N ASN B 447 5.59 11.92 -10.57
CA ASN B 447 5.51 13.37 -10.79
C ASN B 447 6.33 14.07 -9.70
N LEU B 448 7.51 13.50 -9.48
CA LEU B 448 8.44 14.01 -8.46
C LEU B 448 9.14 15.29 -8.91
N PRO B 449 9.41 16.17 -7.97
CA PRO B 449 10.09 17.41 -8.34
C PRO B 449 11.56 17.12 -8.59
N ILE B 450 12.24 18.04 -9.26
CA ILE B 450 13.66 17.90 -9.48
C ILE B 450 14.25 18.19 -8.11
N MET B 451 15.23 17.37 -7.69
CA MET B 451 15.88 17.59 -6.40
C MET B 451 17.34 17.32 -6.62
N THR B 452 18.17 17.74 -5.67
CA THR B 452 19.60 17.58 -5.79
C THR B 452 20.15 17.00 -4.49
N ALA B 453 20.99 15.99 -4.58
CA ALA B 453 21.58 15.39 -3.38
C ALA B 453 22.89 14.72 -3.75
N PRO B 454 23.79 14.53 -2.75
CA PRO B 454 25.07 13.88 -3.04
C PRO B 454 24.78 12.46 -3.52
N ALA B 455 25.64 11.93 -4.38
CA ALA B 455 25.45 10.58 -4.87
C ALA B 455 25.56 9.60 -3.70
N TYR B 456 24.84 8.49 -3.81
CA TYR B 456 24.90 7.47 -2.77
C TYR B 456 26.31 6.84 -2.79
N VAL B 457 26.88 6.61 -1.61
CA VAL B 457 28.21 6.01 -1.44
C VAL B 457 28.05 4.62 -0.79
N PRO B 458 28.21 3.54 -1.58
CA PRO B 458 28.08 2.17 -1.06
C PRO B 458 29.03 1.96 0.12
N GLY B 459 28.57 1.29 1.18
CA GLY B 459 29.43 1.07 2.32
C GLY B 459 29.32 2.14 3.38
N THR B 460 28.44 3.10 3.12
CA THR B 460 28.17 4.22 4.02
C THR B 460 26.94 3.87 4.82
N THR B 461 26.85 4.38 6.04
CA THR B 461 25.68 4.16 6.87
C THR B 461 25.00 5.50 6.95
N TYR B 462 23.74 5.54 6.56
CA TYR B 462 22.95 6.77 6.56
C TYR B 462 22.01 6.95 7.72
N ALA B 463 21.95 8.18 8.23
CA ALA B 463 21.07 8.53 9.33
C ALA B 463 19.67 8.71 8.76
N GLN B 464 18.67 8.78 9.64
CA GLN B 464 17.28 9.00 9.20
C GLN B 464 17.13 10.36 8.52
N GLY B 465 16.38 10.40 7.42
CA GLY B 465 16.18 11.66 6.74
C GLY B 465 17.27 12.08 5.77
N ALA B 466 18.31 11.26 5.62
CA ALA B 466 19.39 11.59 4.71
C ALA B 466 18.86 11.47 3.29
N LEU B 467 19.42 12.30 2.41
CA LEU B 467 19.03 12.34 0.99
C LEU B 467 20.22 12.00 0.12
N VAL B 468 20.02 11.16 -0.88
CA VAL B 468 21.09 10.80 -1.81
C VAL B 468 20.55 10.68 -3.22
N SER B 469 21.43 10.78 -4.21
CA SER B 469 20.98 10.60 -5.58
C SER B 469 21.49 9.22 -6.00
N TYR B 470 20.66 8.50 -6.74
CA TYR B 470 21.02 7.17 -7.14
C TYR B 470 20.08 6.70 -8.24
N GLN B 471 20.68 6.23 -9.34
CA GLN B 471 19.95 5.73 -10.49
C GLN B 471 18.81 6.61 -10.97
N GLY B 472 19.08 7.91 -11.08
CA GLY B 472 18.09 8.85 -11.58
C GLY B 472 17.12 9.51 -10.61
N TYR B 473 17.16 9.13 -9.35
CA TYR B 473 16.27 9.71 -8.36
C TYR B 473 17.01 10.14 -7.12
N VAL B 474 16.31 10.99 -6.37
CA VAL B 474 16.81 11.43 -5.08
C VAL B 474 15.96 10.64 -4.09
N TRP B 475 16.63 10.04 -3.11
CA TRP B 475 15.98 9.19 -2.14
C TRP B 475 16.21 9.64 -0.73
N GLN B 476 15.22 9.41 0.12
CA GLN B 476 15.34 9.77 1.53
C GLN B 476 15.15 8.53 2.41
N THR B 477 15.93 8.43 3.48
CA THR B 477 15.80 7.28 4.38
C THR B 477 14.65 7.51 5.33
N LYS B 478 13.92 6.44 5.64
CA LYS B 478 12.76 6.55 6.54
C LYS B 478 13.10 6.22 7.99
N TRP B 479 14.30 5.68 8.22
CA TRP B 479 14.77 5.40 9.57
C TRP B 479 16.29 5.42 9.52
N GLY B 480 16.95 5.16 10.65
CA GLY B 480 18.39 5.24 10.69
C GLY B 480 19.22 3.98 10.48
N TYR B 481 20.53 4.18 10.55
CA TYR B 481 21.51 3.10 10.37
C TYR B 481 21.26 2.37 9.07
N ILE B 482 21.05 3.11 7.99
CA ILE B 482 20.80 2.50 6.70
C ILE B 482 22.10 2.12 6.00
N THR B 483 22.27 0.81 5.76
CA THR B 483 23.48 0.29 5.12
C THR B 483 23.15 -0.31 3.76
N SER B 484 21.87 -0.32 3.41
CA SER B 484 21.40 -0.85 2.12
C SER B 484 21.36 0.26 1.03
N ALA B 485 21.39 -0.13 -0.24
CA ALA B 485 21.36 0.82 -1.35
C ALA B 485 19.93 1.21 -1.71
N PRO B 486 19.72 2.44 -2.22
CA PRO B 486 18.38 2.92 -2.60
C PRO B 486 17.81 2.01 -3.68
N GLY B 487 16.49 1.89 -3.71
CA GLY B 487 15.83 1.03 -4.68
C GLY B 487 14.61 0.42 -4.01
N SER B 488 14.32 -0.83 -4.32
CA SER B 488 13.15 -1.51 -3.75
C SER B 488 13.27 -1.66 -2.23
N ASP B 489 14.51 -1.73 -1.73
CA ASP B 489 14.73 -1.91 -0.30
C ASP B 489 13.88 -0.89 0.48
N SER B 490 13.17 -1.43 1.46
CA SER B 490 12.23 -0.69 2.28
C SER B 490 12.70 0.60 2.94
N ALA B 491 13.97 0.69 3.27
CA ALA B 491 14.43 1.90 3.97
C ALA B 491 14.43 3.19 3.15
N TRP B 492 14.43 3.09 1.82
CA TRP B 492 14.54 4.33 1.02
C TRP B 492 13.30 4.80 0.31
N LEU B 493 13.05 6.11 0.33
CA LEU B 493 11.88 6.68 -0.34
C LEU B 493 12.26 7.58 -1.50
N LYS B 494 11.73 7.29 -2.70
CA LYS B 494 11.97 8.15 -3.86
C LYS B 494 11.23 9.46 -3.57
N VAL B 495 11.97 10.57 -3.55
CA VAL B 495 11.36 11.87 -3.28
C VAL B 495 11.61 12.89 -4.38
N GLY B 496 12.58 12.63 -5.25
CA GLY B 496 12.81 13.61 -6.30
C GLY B 496 13.46 12.94 -7.49
N ARG B 497 13.58 13.69 -8.58
CA ARG B 497 14.20 13.22 -9.81
C ARG B 497 15.50 13.98 -9.98
N VAL B 498 16.53 13.28 -10.43
CA VAL B 498 17.84 13.88 -10.68
C VAL B 498 17.81 14.58 -12.05
N ALA B 499 18.34 15.80 -12.13
CA ALA B 499 18.37 16.51 -13.41
C ALA B 499 19.34 15.80 -14.39
#